data_2MNB
# 
_entry.id   2MNB 
# 
_audit_conform.dict_name       mmcif_pdbx.dic 
_audit_conform.dict_version    5.391 
_audit_conform.dict_location   http://mmcif.pdb.org/dictionaries/ascii/mmcif_pdbx.dic 
# 
loop_
_database_2.database_id 
_database_2.database_code 
_database_2.pdbx_database_accession 
_database_2.pdbx_DOI 
PDB   2MNB         pdb_00002mnb 10.2210/pdb2mnb/pdb 
RCSB  RCSB103820   ?            ?                   
BMRB  19886        ?            10.13018/BMR19886   
WWPDB D_1000103820 ?            ?                   
# 
loop_
_pdbx_audit_revision_history.ordinal 
_pdbx_audit_revision_history.data_content_type 
_pdbx_audit_revision_history.major_revision 
_pdbx_audit_revision_history.minor_revision 
_pdbx_audit_revision_history.revision_date 
1 'Structure model' 1 0 2014-09-17 
2 'Structure model' 1 1 2024-05-01 
# 
_pdbx_audit_revision_details.ordinal             1 
_pdbx_audit_revision_details.revision_ordinal    1 
_pdbx_audit_revision_details.data_content_type   'Structure model' 
_pdbx_audit_revision_details.provider            repository 
_pdbx_audit_revision_details.type                'Initial release' 
_pdbx_audit_revision_details.description         ? 
_pdbx_audit_revision_details.details             ? 
# 
loop_
_pdbx_audit_revision_group.ordinal 
_pdbx_audit_revision_group.revision_ordinal 
_pdbx_audit_revision_group.data_content_type 
_pdbx_audit_revision_group.group 
1 2 'Structure model' 'Data collection'     
2 2 'Structure model' 'Database references' 
# 
loop_
_pdbx_audit_revision_category.ordinal 
_pdbx_audit_revision_category.revision_ordinal 
_pdbx_audit_revision_category.data_content_type 
_pdbx_audit_revision_category.category 
1 2 'Structure model' chem_comp_atom        
2 2 'Structure model' chem_comp_bond        
3 2 'Structure model' database_2            
4 2 'Structure model' pdbx_nmr_software     
5 2 'Structure model' pdbx_nmr_spectrometer 
# 
loop_
_pdbx_audit_revision_item.ordinal 
_pdbx_audit_revision_item.revision_ordinal 
_pdbx_audit_revision_item.data_content_type 
_pdbx_audit_revision_item.item 
1 2 'Structure model' '_database_2.pdbx_DOI'                
2 2 'Structure model' '_database_2.pdbx_database_accession' 
3 2 'Structure model' '_pdbx_nmr_software.name'             
4 2 'Structure model' '_pdbx_nmr_spectrometer.model'        
# 
_pdbx_database_status.deposit_site                    BMRB 
_pdbx_database_status.entry_id                        2MNB 
_pdbx_database_status.process_site                    RCSB 
_pdbx_database_status.recvd_initial_deposition_date   2014-04-02 
_pdbx_database_status.SG_entry                        ? 
_pdbx_database_status.status_code                     REL 
_pdbx_database_status.status_code_mr                  REL 
_pdbx_database_status.status_code_sf                  ? 
_pdbx_database_status.status_code_cs                  REL 
_pdbx_database_status.methods_development_category    ? 
_pdbx_database_status.pdb_format_compatible           Y 
_pdbx_database_status.status_code_nmr_data            ? 
# 
_pdbx_database_related.db_id          19886 
_pdbx_database_related.db_name        BMRB 
_pdbx_database_related.content_type   unspecified 
_pdbx_database_related.details        . 
# 
loop_
_audit_author.name 
_audit_author.pdbx_ordinal 
'Alniss, H.Y.'    1 
'Salvia, M.-V.'   2 
'Sadikov, M.'     3 
'Golovchenko, I.' 4 
'Anthony, N.G.'   5 
'Khalaf, A.I.'    6 
'Mackay, S.P.'    7 
'Suckling, C.J.'  8 
'Parkinson, J.A.' 9 
# 
_citation.id                        primary 
_citation.title                     'Recognition of the DNA minor groove by thiazotropsin analogues.' 
_citation.journal_abbrev            Chembiochem 
_citation.journal_volume            15 
_citation.page_first                1978 
_citation.page_last                 1990 
_citation.year                      2014 
_citation.journal_id_ASTM           ? 
_citation.country                   GE 
_citation.journal_id_ISSN           1439-4227 
_citation.journal_id_CSD            ? 
_citation.book_publisher            ? 
_citation.pdbx_database_id_PubMed   25045155 
_citation.pdbx_database_id_DOI      10.1002/cbic.201402202 
# 
loop_
_citation_author.citation_id 
_citation_author.name 
_citation_author.ordinal 
_citation_author.identifier_ORCID 
primary 'Alniss, H.Y.'    1 ? 
primary 'Salvia, M.V.'    2 ? 
primary 'Sadikov, M.'     3 ? 
primary 'Golovchenko, I.' 4 ? 
primary 'Anthony, N.G.'   5 ? 
primary 'Khalaf, A.I.'    6 ? 
primary 'MacKay, S.P.'    7 ? 
primary 'Suckling, C.J.'  8 ? 
primary 'Parkinson, J.A.' 9 ? 
# 
_entity.id                         1 
_entity.type                       polymer 
_entity.src_method                 syn 
_entity.pdbx_description           "5'-D(*CP*GP*AP*CP*GP*CP*GP*TP*CP*G)-3'" 
_entity.formula_weight             3045.992 
_entity.pdbx_number_of_molecules   2 
_entity.pdbx_ec                    ? 
_entity.pdbx_mutation              ? 
_entity.pdbx_fragment              ? 
_entity.details                    ? 
# 
_entity_poly.entity_id                      1 
_entity_poly.type                           polydeoxyribonucleotide 
_entity_poly.nstd_linkage                   no 
_entity_poly.nstd_monomer                   no 
_entity_poly.pdbx_seq_one_letter_code       '(DC)(DG)(DA)(DC)(DG)(DC)(DG)(DT)(DC)(DG)' 
_entity_poly.pdbx_seq_one_letter_code_can   CGACGCGTCG 
_entity_poly.pdbx_strand_id                 A,B 
_entity_poly.pdbx_target_identifier         ? 
# 
loop_
_entity_poly_seq.entity_id 
_entity_poly_seq.num 
_entity_poly_seq.mon_id 
_entity_poly_seq.hetero 
1 1  DC n 
1 2  DG n 
1 3  DA n 
1 4  DC n 
1 5  DG n 
1 6  DC n 
1 7  DG n 
1 8  DT n 
1 9  DC n 
1 10 DG n 
# 
loop_
_chem_comp.id 
_chem_comp.type 
_chem_comp.mon_nstd_flag 
_chem_comp.name 
_chem_comp.pdbx_synonyms 
_chem_comp.formula 
_chem_comp.formula_weight 
DA 'DNA linking' y "2'-DEOXYADENOSINE-5'-MONOPHOSPHATE" ? 'C10 H14 N5 O6 P' 331.222 
DC 'DNA linking' y "2'-DEOXYCYTIDINE-5'-MONOPHOSPHATE"  ? 'C9 H14 N3 O7 P'  307.197 
DG 'DNA linking' y "2'-DEOXYGUANOSINE-5'-MONOPHOSPHATE" ? 'C10 H14 N5 O7 P' 347.221 
DT 'DNA linking' y "THYMIDINE-5'-MONOPHOSPHATE"         ? 'C10 H15 N2 O8 P' 322.208 
# 
loop_
_pdbx_poly_seq_scheme.asym_id 
_pdbx_poly_seq_scheme.entity_id 
_pdbx_poly_seq_scheme.seq_id 
_pdbx_poly_seq_scheme.mon_id 
_pdbx_poly_seq_scheme.ndb_seq_num 
_pdbx_poly_seq_scheme.pdb_seq_num 
_pdbx_poly_seq_scheme.auth_seq_num 
_pdbx_poly_seq_scheme.pdb_mon_id 
_pdbx_poly_seq_scheme.auth_mon_id 
_pdbx_poly_seq_scheme.pdb_strand_id 
_pdbx_poly_seq_scheme.pdb_ins_code 
_pdbx_poly_seq_scheme.hetero 
A 1 1  DC 1  1  1  DC C A . n 
A 1 2  DG 2  2  2  DG G A . n 
A 1 3  DA 3  3  3  DA A A . n 
A 1 4  DC 4  4  4  DC C A . n 
A 1 5  DG 5  5  5  DG G A . n 
A 1 6  DC 6  6  6  DC C A . n 
A 1 7  DG 7  7  7  DG G A . n 
A 1 8  DT 8  8  8  DT T A . n 
A 1 9  DC 9  9  9  DC C A . n 
A 1 10 DG 10 10 10 DG G A . n 
B 1 1  DC 1  11 11 DC C B . n 
B 1 2  DG 2  12 12 DG G B . n 
B 1 3  DA 3  13 13 DA A B . n 
B 1 4  DC 4  14 14 DC C B . n 
B 1 5  DG 5  15 15 DG G B . n 
B 1 6  DC 6  16 16 DC C B . n 
B 1 7  DG 7  17 17 DG G B . n 
B 1 8  DT 8  18 18 DT T B . n 
B 1 9  DC 9  19 19 DC C B . n 
B 1 10 DG 10 20 20 DG G B . n 
# 
_exptl.absorpt_coefficient_mu     ? 
_exptl.absorpt_correction_T_max   ? 
_exptl.absorpt_correction_T_min   ? 
_exptl.absorpt_correction_type    ? 
_exptl.absorpt_process_details    ? 
_exptl.crystals_number            ? 
_exptl.details                    ? 
_exptl.entry_id                   2MNB 
_exptl.method                     'SOLUTION NMR' 
_exptl.method_details             ? 
# 
_struct.entry_id                  2MNB 
_struct.title                     'Thiazotropsin B DNA recognition sequence d(CGACGCGTCG)2' 
_struct.pdbx_model_details        'minimized average structure, model1' 
_struct.pdbx_CASP_flag            ? 
_struct.pdbx_model_type_details   'minimized average' 
# 
_struct_keywords.entry_id        2MNB 
_struct_keywords.pdbx_keywords   DNA 
_struct_keywords.text            
'THIAZOTROPSINS, DNA RECOGNITION, ISOTHERMAL TITRATION CALORIMETRY NMR, SELF-ASSEMBLY, MINOR GROOVE BINDER, DNA' 
# 
loop_
_struct_asym.id 
_struct_asym.pdbx_blank_PDB_chainid_flag 
_struct_asym.pdbx_modified 
_struct_asym.entity_id 
_struct_asym.details 
A N N 1 ? 
B N N 1 ? 
# 
_struct_ref.id                         1 
_struct_ref.db_name                    PDB 
_struct_ref.db_code                    2MNB 
_struct_ref.pdbx_db_accession          2MNB 
_struct_ref.entity_id                  1 
_struct_ref.pdbx_align_begin           ? 
_struct_ref.pdbx_seq_one_letter_code   ? 
_struct_ref.pdbx_db_isoform            ? 
# 
loop_
_struct_ref_seq.align_id 
_struct_ref_seq.ref_id 
_struct_ref_seq.pdbx_PDB_id_code 
_struct_ref_seq.pdbx_strand_id 
_struct_ref_seq.seq_align_beg 
_struct_ref_seq.pdbx_seq_align_beg_ins_code 
_struct_ref_seq.seq_align_end 
_struct_ref_seq.pdbx_seq_align_end_ins_code 
_struct_ref_seq.pdbx_db_accession 
_struct_ref_seq.db_align_beg 
_struct_ref_seq.pdbx_db_align_beg_ins_code 
_struct_ref_seq.db_align_end 
_struct_ref_seq.pdbx_db_align_end_ins_code 
_struct_ref_seq.pdbx_auth_seq_align_beg 
_struct_ref_seq.pdbx_auth_seq_align_end 
1 1 2MNB A 1 ? 10 ? 2MNB 1  ? 10 ? 1  10 
2 1 2MNB B 1 ? 10 ? 2MNB 11 ? 20 ? 11 20 
# 
_pdbx_struct_assembly.id                   1 
_pdbx_struct_assembly.details              author_defined_assembly 
_pdbx_struct_assembly.method_details       ? 
_pdbx_struct_assembly.oligomeric_details   dimeric 
_pdbx_struct_assembly.oligomeric_count     2 
# 
_pdbx_struct_assembly_gen.assembly_id       1 
_pdbx_struct_assembly_gen.oper_expression   1 
_pdbx_struct_assembly_gen.asym_id_list      A,B 
# 
_pdbx_struct_oper_list.id                   1 
_pdbx_struct_oper_list.type                 'identity operation' 
_pdbx_struct_oper_list.name                 1_555 
_pdbx_struct_oper_list.symmetry_operation   x,y,z 
_pdbx_struct_oper_list.matrix[1][1]         1.0000000000 
_pdbx_struct_oper_list.matrix[1][2]         0.0000000000 
_pdbx_struct_oper_list.matrix[1][3]         0.0000000000 
_pdbx_struct_oper_list.vector[1]            0.0000000000 
_pdbx_struct_oper_list.matrix[2][1]         0.0000000000 
_pdbx_struct_oper_list.matrix[2][2]         1.0000000000 
_pdbx_struct_oper_list.matrix[2][3]         0.0000000000 
_pdbx_struct_oper_list.vector[2]            0.0000000000 
_pdbx_struct_oper_list.matrix[3][1]         0.0000000000 
_pdbx_struct_oper_list.matrix[3][2]         0.0000000000 
_pdbx_struct_oper_list.matrix[3][3]         1.0000000000 
_pdbx_struct_oper_list.vector[3]            0.0000000000 
# 
_struct_biol.id        1 
_struct_biol.details   ? 
# 
loop_
_struct_conn.id 
_struct_conn.conn_type_id 
_struct_conn.pdbx_leaving_atom_flag 
_struct_conn.pdbx_PDB_id 
_struct_conn.ptnr1_label_asym_id 
_struct_conn.ptnr1_label_comp_id 
_struct_conn.ptnr1_label_seq_id 
_struct_conn.ptnr1_label_atom_id 
_struct_conn.pdbx_ptnr1_label_alt_id 
_struct_conn.pdbx_ptnr1_PDB_ins_code 
_struct_conn.pdbx_ptnr1_standard_comp_id 
_struct_conn.ptnr1_symmetry 
_struct_conn.ptnr2_label_asym_id 
_struct_conn.ptnr2_label_comp_id 
_struct_conn.ptnr2_label_seq_id 
_struct_conn.ptnr2_label_atom_id 
_struct_conn.pdbx_ptnr2_label_alt_id 
_struct_conn.pdbx_ptnr2_PDB_ins_code 
_struct_conn.ptnr1_auth_asym_id 
_struct_conn.ptnr1_auth_comp_id 
_struct_conn.ptnr1_auth_seq_id 
_struct_conn.ptnr2_auth_asym_id 
_struct_conn.ptnr2_auth_comp_id 
_struct_conn.ptnr2_auth_seq_id 
_struct_conn.ptnr2_symmetry 
_struct_conn.pdbx_ptnr3_label_atom_id 
_struct_conn.pdbx_ptnr3_label_seq_id 
_struct_conn.pdbx_ptnr3_label_comp_id 
_struct_conn.pdbx_ptnr3_label_asym_id 
_struct_conn.pdbx_ptnr3_label_alt_id 
_struct_conn.pdbx_ptnr3_PDB_ins_code 
_struct_conn.details 
_struct_conn.pdbx_dist_value 
_struct_conn.pdbx_value_order 
_struct_conn.pdbx_role 
hydrog1  hydrog ? ? A DC 1  N3 ? ? ? 1_555 B DG 10 N1 ? ? A DC 1  B DG 20 1_555 ? ? ? ? ? ? WATSON-CRICK ? ? ? 
hydrog2  hydrog ? ? A DC 1  N4 ? ? ? 1_555 B DG 10 O6 ? ? A DC 1  B DG 20 1_555 ? ? ? ? ? ? WATSON-CRICK ? ? ? 
hydrog3  hydrog ? ? A DC 1  O2 ? ? ? 1_555 B DG 10 N2 ? ? A DC 1  B DG 20 1_555 ? ? ? ? ? ? WATSON-CRICK ? ? ? 
hydrog4  hydrog ? ? A DG 2  N1 ? ? ? 1_555 B DC 9  N3 ? ? A DG 2  B DC 19 1_555 ? ? ? ? ? ? WATSON-CRICK ? ? ? 
hydrog5  hydrog ? ? A DG 2  N2 ? ? ? 1_555 B DC 9  O2 ? ? A DG 2  B DC 19 1_555 ? ? ? ? ? ? WATSON-CRICK ? ? ? 
hydrog6  hydrog ? ? A DG 2  O6 ? ? ? 1_555 B DC 9  N4 ? ? A DG 2  B DC 19 1_555 ? ? ? ? ? ? WATSON-CRICK ? ? ? 
hydrog7  hydrog ? ? A DA 3  N1 ? ? ? 1_555 B DT 8  N3 ? ? A DA 3  B DT 18 1_555 ? ? ? ? ? ? WATSON-CRICK ? ? ? 
hydrog8  hydrog ? ? A DA 3  N6 ? ? ? 1_555 B DT 8  O4 ? ? A DA 3  B DT 18 1_555 ? ? ? ? ? ? WATSON-CRICK ? ? ? 
hydrog9  hydrog ? ? A DC 4  N3 ? ? ? 1_555 B DG 7  N1 ? ? A DC 4  B DG 17 1_555 ? ? ? ? ? ? WATSON-CRICK ? ? ? 
hydrog10 hydrog ? ? A DC 4  N4 ? ? ? 1_555 B DG 7  O6 ? ? A DC 4  B DG 17 1_555 ? ? ? ? ? ? WATSON-CRICK ? ? ? 
hydrog11 hydrog ? ? A DC 4  O2 ? ? ? 1_555 B DG 7  N2 ? ? A DC 4  B DG 17 1_555 ? ? ? ? ? ? WATSON-CRICK ? ? ? 
hydrog12 hydrog ? ? A DG 5  N1 ? ? ? 1_555 B DC 6  N3 ? ? A DG 5  B DC 16 1_555 ? ? ? ? ? ? WATSON-CRICK ? ? ? 
hydrog13 hydrog ? ? A DG 5  N2 ? ? ? 1_555 B DC 6  O2 ? ? A DG 5  B DC 16 1_555 ? ? ? ? ? ? WATSON-CRICK ? ? ? 
hydrog14 hydrog ? ? A DG 5  O6 ? ? ? 1_555 B DC 6  N4 ? ? A DG 5  B DC 16 1_555 ? ? ? ? ? ? WATSON-CRICK ? ? ? 
hydrog15 hydrog ? ? A DC 6  N3 ? ? ? 1_555 B DG 5  N1 ? ? A DC 6  B DG 15 1_555 ? ? ? ? ? ? WATSON-CRICK ? ? ? 
hydrog16 hydrog ? ? A DC 6  N4 ? ? ? 1_555 B DG 5  O6 ? ? A DC 6  B DG 15 1_555 ? ? ? ? ? ? WATSON-CRICK ? ? ? 
hydrog17 hydrog ? ? A DC 6  O2 ? ? ? 1_555 B DG 5  N2 ? ? A DC 6  B DG 15 1_555 ? ? ? ? ? ? WATSON-CRICK ? ? ? 
hydrog18 hydrog ? ? A DG 7  N1 ? ? ? 1_555 B DC 4  N3 ? ? A DG 7  B DC 14 1_555 ? ? ? ? ? ? WATSON-CRICK ? ? ? 
hydrog19 hydrog ? ? A DG 7  N2 ? ? ? 1_555 B DC 4  O2 ? ? A DG 7  B DC 14 1_555 ? ? ? ? ? ? WATSON-CRICK ? ? ? 
hydrog20 hydrog ? ? A DG 7  O6 ? ? ? 1_555 B DC 4  N4 ? ? A DG 7  B DC 14 1_555 ? ? ? ? ? ? WATSON-CRICK ? ? ? 
hydrog21 hydrog ? ? A DT 8  N3 ? ? ? 1_555 B DA 3  N1 ? ? A DT 8  B DA 13 1_555 ? ? ? ? ? ? WATSON-CRICK ? ? ? 
hydrog22 hydrog ? ? A DT 8  O4 ? ? ? 1_555 B DA 3  N6 ? ? A DT 8  B DA 13 1_555 ? ? ? ? ? ? WATSON-CRICK ? ? ? 
hydrog23 hydrog ? ? A DC 9  N3 ? ? ? 1_555 B DG 2  N1 ? ? A DC 9  B DG 12 1_555 ? ? ? ? ? ? WATSON-CRICK ? ? ? 
hydrog24 hydrog ? ? A DC 9  N4 ? ? ? 1_555 B DG 2  O6 ? ? A DC 9  B DG 12 1_555 ? ? ? ? ? ? WATSON-CRICK ? ? ? 
hydrog25 hydrog ? ? A DC 9  O2 ? ? ? 1_555 B DG 2  N2 ? ? A DC 9  B DG 12 1_555 ? ? ? ? ? ? WATSON-CRICK ? ? ? 
hydrog26 hydrog ? ? A DG 10 N1 ? ? ? 1_555 B DC 1  N3 ? ? A DG 10 B DC 11 1_555 ? ? ? ? ? ? WATSON-CRICK ? ? ? 
hydrog27 hydrog ? ? A DG 10 N2 ? ? ? 1_555 B DC 1  O2 ? ? A DG 10 B DC 11 1_555 ? ? ? ? ? ? WATSON-CRICK ? ? ? 
hydrog28 hydrog ? ? A DG 10 O6 ? ? ? 1_555 B DC 1  N4 ? ? A DG 10 B DC 11 1_555 ? ? ? ? ? ? WATSON-CRICK ? ? ? 
# 
_struct_conn_type.id          hydrog 
_struct_conn_type.criteria    ? 
_struct_conn_type.reference   ? 
# 
loop_
_pdbx_validate_rmsd_bond.id 
_pdbx_validate_rmsd_bond.PDB_model_num 
_pdbx_validate_rmsd_bond.auth_atom_id_1 
_pdbx_validate_rmsd_bond.auth_asym_id_1 
_pdbx_validate_rmsd_bond.auth_comp_id_1 
_pdbx_validate_rmsd_bond.auth_seq_id_1 
_pdbx_validate_rmsd_bond.PDB_ins_code_1 
_pdbx_validate_rmsd_bond.label_alt_id_1 
_pdbx_validate_rmsd_bond.auth_atom_id_2 
_pdbx_validate_rmsd_bond.auth_asym_id_2 
_pdbx_validate_rmsd_bond.auth_comp_id_2 
_pdbx_validate_rmsd_bond.auth_seq_id_2 
_pdbx_validate_rmsd_bond.PDB_ins_code_2 
_pdbx_validate_rmsd_bond.label_alt_id_2 
_pdbx_validate_rmsd_bond.bond_value 
_pdbx_validate_rmsd_bond.bond_target_value 
_pdbx_validate_rmsd_bond.bond_deviation 
_pdbx_validate_rmsd_bond.bond_standard_deviation 
_pdbx_validate_rmsd_bond.linker_flag 
1  1 C4    A DC 1  ? ? N4    A DC 1  ? ? 1.273 1.335 -0.062 0.009 N 
2  1 N1    A DC 1  ? ? C6    A DC 1  ? ? 1.330 1.367 -0.037 0.006 N 
3  1 N3    A DC 1  ? ? C4    A DC 1  ? ? 1.280 1.335 -0.055 0.007 N 
4  1 "O3'" A DC 1  ? ? P     A DG 2  ? ? 1.497 1.607 -0.110 0.012 Y 
5  1 C2    A DG 2  ? ? N2    A DG 2  ? ? 1.272 1.341 -0.069 0.010 N 
6  1 "C3'" A DA 3  ? ? "C2'" A DA 3  ? ? 1.465 1.516 -0.051 0.008 N 
7  1 C6    A DA 3  ? ? N1    A DA 3  ? ? 1.308 1.351 -0.043 0.007 N 
8  1 C4    A DC 4  ? ? N4    A DC 4  ? ? 1.275 1.335 -0.060 0.009 N 
9  1 N3    A DC 4  ? ? C4    A DC 4  ? ? 1.289 1.335 -0.046 0.007 N 
10 1 C2    A DG 5  ? ? N2    A DG 5  ? ? 1.272 1.341 -0.069 0.010 N 
11 1 C4    A DC 6  ? ? N4    A DC 6  ? ? 1.272 1.335 -0.063 0.009 N 
12 1 N3    A DC 6  ? ? C4    A DC 6  ? ? 1.289 1.335 -0.046 0.007 N 
13 1 "O3'" A DG 7  ? ? "C3'" A DG 7  ? ? 1.380 1.419 -0.039 0.006 N 
14 1 N1    A DG 7  ? ? C2    A DG 7  ? ? 1.319 1.373 -0.054 0.008 N 
15 1 C6    A DG 7  ? ? N1    A DG 7  ? ? 1.345 1.391 -0.046 0.007 N 
16 1 C2    A DG 7  ? ? N2    A DG 7  ? ? 1.265 1.341 -0.076 0.010 N 
17 1 "C3'" A DT 8  ? ? "C2'" A DT 8  ? ? 1.459 1.516 -0.057 0.008 N 
18 1 "O3'" A DT 8  ? ? "C3'" A DT 8  ? ? 1.381 1.419 -0.038 0.006 N 
19 1 "O3'" A DT 8  ? ? P     A DC 9  ? ? 1.508 1.607 -0.099 0.012 Y 
20 1 P     A DC 9  ? ? "O5'" A DC 9  ? ? 1.514 1.593 -0.079 0.010 N 
21 1 "O3'" A DC 9  ? ? "C3'" A DC 9  ? ? 1.374 1.419 -0.045 0.006 N 
22 1 C4    A DC 9  ? ? N4    A DC 9  ? ? 1.263 1.335 -0.072 0.009 N 
23 1 N3    A DC 9  ? ? C4    A DC 9  ? ? 1.289 1.335 -0.046 0.007 N 
24 1 "O4'" A DG 10 ? ? "C4'" A DG 10 ? ? 1.376 1.446 -0.070 0.010 N 
25 1 "O3'" A DG 10 ? ? "C3'" A DG 10 ? ? 1.381 1.419 -0.038 0.006 N 
26 1 N1    A DG 10 ? ? C2    A DG 10 ? ? 1.319 1.373 -0.054 0.008 N 
27 1 C2    A DG 10 ? ? N2    A DG 10 ? ? 1.276 1.341 -0.065 0.010 N 
28 1 "O3'" B DC 11 ? ? "C3'" B DC 11 ? ? 1.376 1.419 -0.043 0.006 N 
29 1 C4    B DC 11 ? ? N4    B DC 11 ? ? 1.271 1.335 -0.064 0.009 N 
30 1 N3    B DC 11 ? ? C4    B DC 11 ? ? 1.273 1.335 -0.062 0.007 N 
31 1 "O3'" B DC 11 ? ? P     B DG 12 ? ? 1.529 1.607 -0.078 0.012 Y 
32 1 N1    B DG 12 ? ? C2    B DG 12 ? ? 1.324 1.373 -0.049 0.008 N 
33 1 C6    B DG 12 ? ? N1    B DG 12 ? ? 1.346 1.391 -0.045 0.007 N 
34 1 C2    B DG 12 ? ? N2    B DG 12 ? ? 1.273 1.341 -0.068 0.010 N 
35 1 "C3'" B DA 13 ? ? "C2'" B DA 13 ? ? 1.466 1.516 -0.050 0.008 N 
36 1 C6    B DA 13 ? ? N6    B DA 13 ? ? 1.287 1.335 -0.048 0.008 N 
37 1 C4    B DC 14 ? ? N4    B DC 14 ? ? 1.271 1.335 -0.064 0.009 N 
38 1 N3    B DC 14 ? ? C4    B DC 14 ? ? 1.287 1.335 -0.048 0.007 N 
39 1 N1    B DG 15 ? ? C2    B DG 15 ? ? 1.319 1.373 -0.054 0.008 N 
40 1 C2    B DG 15 ? ? N2    B DG 15 ? ? 1.276 1.341 -0.065 0.010 N 
41 1 C4    B DC 16 ? ? N4    B DC 16 ? ? 1.273 1.335 -0.062 0.009 N 
42 1 C2    B DG 17 ? ? N2    B DG 17 ? ? 1.274 1.341 -0.067 0.010 N 
43 1 "C3'" B DT 18 ? ? "C2'" B DT 18 ? ? 1.461 1.516 -0.055 0.008 N 
44 1 "O3'" B DT 18 ? ? P     B DC 19 ? ? 1.499 1.607 -0.108 0.012 Y 
45 1 P     B DC 19 ? ? OP1   B DC 19 ? ? 1.382 1.485 -0.103 0.017 N 
46 1 P     B DC 19 ? ? "O5'" B DC 19 ? ? 1.530 1.593 -0.063 0.010 N 
47 1 "C3'" B DC 19 ? ? "C2'" B DC 19 ? ? 1.467 1.516 -0.049 0.008 N 
48 1 "O4'" B DC 19 ? ? "C4'" B DC 19 ? ? 1.385 1.446 -0.061 0.010 N 
49 1 "O3'" B DC 19 ? ? "C3'" B DC 19 ? ? 1.381 1.419 -0.038 0.006 N 
50 1 C4    B DC 19 ? ? N4    B DC 19 ? ? 1.268 1.335 -0.067 0.009 N 
51 1 N3    B DC 19 ? ? C4    B DC 19 ? ? 1.273 1.335 -0.062 0.007 N 
52 1 "O3'" B DC 19 ? ? P     B DG 20 ? ? 1.533 1.607 -0.074 0.012 Y 
53 1 P     B DG 20 ? ? "O5'" B DG 20 ? ? 1.527 1.593 -0.066 0.010 N 
54 1 "O4'" B DG 20 ? ? "C4'" B DG 20 ? ? 1.371 1.446 -0.075 0.010 N 
55 1 "O3'" B DG 20 ? ? "C3'" B DG 20 ? ? 1.357 1.419 -0.062 0.006 N 
56 1 N1    B DG 20 ? ? C2    B DG 20 ? ? 1.319 1.373 -0.054 0.008 N 
57 1 C8    B DG 20 ? ? N9    B DG 20 ? ? 1.329 1.374 -0.045 0.007 N 
58 1 C2    B DG 20 ? ? N2    B DG 20 ? ? 1.276 1.341 -0.065 0.010 N 
# 
loop_
_pdbx_validate_rmsd_angle.id 
_pdbx_validate_rmsd_angle.PDB_model_num 
_pdbx_validate_rmsd_angle.auth_atom_id_1 
_pdbx_validate_rmsd_angle.auth_asym_id_1 
_pdbx_validate_rmsd_angle.auth_comp_id_1 
_pdbx_validate_rmsd_angle.auth_seq_id_1 
_pdbx_validate_rmsd_angle.PDB_ins_code_1 
_pdbx_validate_rmsd_angle.label_alt_id_1 
_pdbx_validate_rmsd_angle.auth_atom_id_2 
_pdbx_validate_rmsd_angle.auth_asym_id_2 
_pdbx_validate_rmsd_angle.auth_comp_id_2 
_pdbx_validate_rmsd_angle.auth_seq_id_2 
_pdbx_validate_rmsd_angle.PDB_ins_code_2 
_pdbx_validate_rmsd_angle.label_alt_id_2 
_pdbx_validate_rmsd_angle.auth_atom_id_3 
_pdbx_validate_rmsd_angle.auth_asym_id_3 
_pdbx_validate_rmsd_angle.auth_comp_id_3 
_pdbx_validate_rmsd_angle.auth_seq_id_3 
_pdbx_validate_rmsd_angle.PDB_ins_code_3 
_pdbx_validate_rmsd_angle.label_alt_id_3 
_pdbx_validate_rmsd_angle.angle_value 
_pdbx_validate_rmsd_angle.angle_target_value 
_pdbx_validate_rmsd_angle.angle_deviation 
_pdbx_validate_rmsd_angle.angle_standard_deviation 
_pdbx_validate_rmsd_angle.linker_flag 
1  1 "C1'" A DC 1  ? ? "O4'" A DC 1  ? ? "C4'" A DC 1  ? ? 103.41 110.10 -6.69 1.00 N 
2  1 "O4'" A DC 1  ? ? "C1'" A DC 1  ? ? N1    A DC 1  ? ? 113.70 108.30 5.40  0.30 N 
3  1 N3    A DC 1  ? ? C2    A DC 1  ? ? O2    A DC 1  ? ? 117.56 121.90 -4.34 0.70 N 
4  1 "C3'" A DC 1  ? ? "O3'" A DC 1  ? ? P     A DG 2  ? ? 128.03 119.70 8.33  1.20 Y 
5  1 "O4'" A DA 3  ? ? "C1'" A DA 3  ? ? N9    A DA 3  ? ? 112.14 108.30 3.84  0.30 N 
6  1 C5    A DA 3  ? ? C6    A DA 3  ? ? N1    A DA 3  ? ? 121.20 117.70 3.50  0.50 N 
7  1 N1    A DA 3  ? ? C6    A DA 3  ? ? N6    A DA 3  ? ? 113.96 118.60 -4.64 0.60 N 
8  1 "O4'" A DC 4  ? ? "C1'" A DC 4  ? ? N1    A DC 4  ? ? 112.04 108.30 3.74  0.30 N 
9  1 N3    A DC 4  ? ? C2    A DC 4  ? ? O2    A DC 4  ? ? 116.95 121.90 -4.95 0.70 N 
10 1 "O4'" A DC 6  ? ? "C1'" A DC 6  ? ? N1    A DC 6  ? ? 112.21 108.30 3.91  0.30 N 
11 1 N3    A DC 6  ? ? C2    A DC 6  ? ? O2    A DC 6  ? ? 117.53 121.90 -4.37 0.70 N 
12 1 "O4'" A DT 8  ? ? "C1'" A DT 8  ? ? "C2'" A DT 8  ? ? 99.01  105.90 -6.89 0.80 N 
13 1 "O4'" A DT 8  ? ? "C1'" A DT 8  ? ? N1    A DT 8  ? ? 112.54 108.30 4.24  0.30 N 
14 1 C5    A DT 8  ? ? C6    A DT 8  ? ? N1    A DT 8  ? ? 118.98 123.70 -4.72 0.60 N 
15 1 N3    A DT 8  ? ? C2    A DT 8  ? ? O2    A DT 8  ? ? 118.14 122.30 -4.16 0.60 N 
16 1 "O4'" A DC 9  ? ? "C1'" A DC 9  ? ? N1    A DC 9  ? ? 111.99 108.30 3.69  0.30 N 
17 1 N1    A DC 9  ? ? C2    A DC 9  ? ? O2    A DC 9  ? ? 122.60 118.90 3.70  0.60 N 
18 1 N3    A DC 9  ? ? C2    A DC 9  ? ? O2    A DC 9  ? ? 116.83 121.90 -5.07 0.70 N 
19 1 "O4'" A DG 10 ? ? "C1'" A DG 10 ? ? N9    A DG 10 ? ? 113.09 108.30 4.79  0.30 N 
20 1 "C1'" B DC 11 ? ? "O4'" B DC 11 ? ? "C4'" B DC 11 ? ? 103.68 110.10 -6.42 1.00 N 
21 1 "O4'" B DC 11 ? ? "C1'" B DC 11 ? ? N1    B DC 11 ? ? 115.93 108.30 7.63  0.30 N 
22 1 N3    B DC 11 ? ? C2    B DC 11 ? ? O2    B DC 11 ? ? 116.68 121.90 -5.22 0.70 N 
23 1 C4    B DA 13 ? ? C5    B DA 13 ? ? C6    B DA 13 ? ? 113.88 117.00 -3.12 0.50 N 
24 1 C5    B DA 13 ? ? C6    B DA 13 ? ? N1    B DA 13 ? ? 121.97 117.70 4.27  0.50 N 
25 1 N1    B DA 13 ? ? C6    B DA 13 ? ? N6    B DA 13 ? ? 113.64 118.60 -4.96 0.60 N 
26 1 "O4'" B DC 14 ? ? "C1'" B DC 14 ? ? N1    B DC 14 ? ? 111.97 108.30 3.67  0.30 N 
27 1 N3    B DC 14 ? ? C2    B DC 14 ? ? O2    B DC 14 ? ? 116.68 121.90 -5.22 0.70 N 
28 1 "O4'" B DC 16 ? ? "C1'" B DC 16 ? ? N1    B DC 16 ? ? 111.21 108.30 2.91  0.30 N 
29 1 N3    B DC 16 ? ? C2    B DC 16 ? ? O2    B DC 16 ? ? 117.61 121.90 -4.29 0.70 N 
30 1 "O4'" B DT 18 ? ? "C1'" B DT 18 ? ? "C2'" B DT 18 ? ? 98.53  105.90 -7.37 0.80 N 
31 1 "O4'" B DT 18 ? ? "C1'" B DT 18 ? ? N1    B DT 18 ? ? 113.43 108.30 5.13  0.30 N 
32 1 C5    B DT 18 ? ? C6    B DT 18 ? ? N1    B DT 18 ? ? 118.97 123.70 -4.73 0.60 N 
33 1 "O4'" B DC 19 ? ? "C1'" B DC 19 ? ? N1    B DC 19 ? ? 110.45 108.30 2.15  0.30 N 
34 1 N3    B DC 19 ? ? C2    B DC 19 ? ? O2    B DC 19 ? ? 117.07 121.90 -4.83 0.70 N 
35 1 "O4'" B DG 20 ? ? "C1'" B DG 20 ? ? N9    B DG 20 ? ? 114.79 108.30 6.49  0.30 N 
# 
loop_
_pdbx_validate_planes.id 
_pdbx_validate_planes.PDB_model_num 
_pdbx_validate_planes.auth_comp_id 
_pdbx_validate_planes.auth_asym_id 
_pdbx_validate_planes.auth_seq_id 
_pdbx_validate_planes.PDB_ins_code 
_pdbx_validate_planes.label_alt_id 
_pdbx_validate_planes.rmsd 
_pdbx_validate_planes.type 
1  1 DC A 1  ? ? 0.057 'SIDE CHAIN' 
2  1 DC A 4  ? ? 0.072 'SIDE CHAIN' 
3  1 DT A 8  ? ? 0.174 'SIDE CHAIN' 
4  1 DC A 9  ? ? 0.148 'SIDE CHAIN' 
5  1 DC B 11 ? ? 0.063 'SIDE CHAIN' 
6  1 DA B 13 ? ? 0.076 'SIDE CHAIN' 
7  1 DC B 14 ? ? 0.079 'SIDE CHAIN' 
8  1 DC B 16 ? ? 0.086 'SIDE CHAIN' 
9  1 DG B 17 ? ? 0.060 'SIDE CHAIN' 
10 1 DT B 18 ? ? 0.284 'SIDE CHAIN' 
11 1 DG B 20 ? ? 0.056 'SIDE CHAIN' 
# 
_pdbx_nmr_ensemble.average_constraint_violations_per_residue     ? 
_pdbx_nmr_ensemble.average_constraints_per_residue               ? 
_pdbx_nmr_ensemble.average_distance_constraint_violation         ? 
_pdbx_nmr_ensemble.average_torsion_angle_constraint_violation    ? 
_pdbx_nmr_ensemble.conformer_selection_criteria                  'structures with the lowest energy' 
_pdbx_nmr_ensemble.conformers_calculated_total_number            1 
_pdbx_nmr_ensemble.conformers_submitted_total_number             1 
_pdbx_nmr_ensemble.distance_constraint_violation_method          ? 
_pdbx_nmr_ensemble.entry_id                                      2MNB 
_pdbx_nmr_ensemble.maximum_distance_constraint_violation         ? 
_pdbx_nmr_ensemble.maximum_lower_distance_constraint_violation   ? 
_pdbx_nmr_ensemble.maximum_torsion_angle_constraint_violation    ? 
_pdbx_nmr_ensemble.maximum_upper_distance_constraint_violation   ? 
_pdbx_nmr_ensemble.torsion_angle_constraint_violation_method     ? 
# 
_pdbx_nmr_representative.conformer_id         1 
_pdbx_nmr_representative.entry_id             2MNB 
_pdbx_nmr_representative.selection_criteria   'minimized average structure' 
# 
_pdbx_nmr_sample_details.contents         
;2 mM 5'-D(*CP*GP*AP*CP*GP*CP*GP*TP*CP*G)-3', 90% H2O/10% D2O
;
_pdbx_nmr_sample_details.solution_id      1 
_pdbx_nmr_sample_details.solvent_system   '90% H2O/10% D2O' 
# 
_pdbx_nmr_exptl_sample.component             "5'-D(*CP*GP*AP*CP*GP*CP*GP*TP*CP*G)-3'-1" 
_pdbx_nmr_exptl_sample.concentration         2 
_pdbx_nmr_exptl_sample.concentration_range   ? 
_pdbx_nmr_exptl_sample.concentration_units   mM 
_pdbx_nmr_exptl_sample.isotopic_labeling     ? 
_pdbx_nmr_exptl_sample.solution_id           1 
# 
_pdbx_nmr_exptl_sample_conditions.conditions_id       1 
_pdbx_nmr_exptl_sample_conditions.ionic_strength      0.05 
_pdbx_nmr_exptl_sample_conditions.pH                  7.4 
_pdbx_nmr_exptl_sample_conditions.pressure            ambient 
_pdbx_nmr_exptl_sample_conditions.pressure_units      ? 
_pdbx_nmr_exptl_sample_conditions.temperature         298 
_pdbx_nmr_exptl_sample_conditions.temperature_units   K 
# 
loop_
_pdbx_nmr_exptl.conditions_id 
_pdbx_nmr_exptl.experiment_id 
_pdbx_nmr_exptl.solution_id 
_pdbx_nmr_exptl.type 
1 1 1 '2D 1H-1H NOESY' 
1 2 1 '2D 1H-1H TOCSY' 
1 3 1 '2D 1H-1H COSY'  
# 
_pdbx_nmr_constraints.disulfide_bond_constraints_total_count        ? 
_pdbx_nmr_constraints.entry_id                                      2MNB 
_pdbx_nmr_constraints.hydrogen_bond_constraints_total_count         ? 
_pdbx_nmr_constraints.NA_alpha-angle_constraints_total_count        ? 
_pdbx_nmr_constraints.NA_beta-angle_constraints_total_count         ? 
_pdbx_nmr_constraints.NA_chi-angle_constraints_total_count          ? 
_pdbx_nmr_constraints.NA_delta-angle_constraints_total_count        ? 
_pdbx_nmr_constraints.NA_epsilon-angle_constraints_total_count      ? 
_pdbx_nmr_constraints.NA_gamma-angle_constraints_total_count        ? 
_pdbx_nmr_constraints.NA_other-angle_constraints_total_count        ? 
_pdbx_nmr_constraints.NA_sugar_pucker_constraints_total_count       ? 
_pdbx_nmr_constraints.NOE_constraints_total                         207 
_pdbx_nmr_constraints.NOE_interentity_total_count                   ? 
_pdbx_nmr_constraints.NOE_interproton_distance_evaluation           ? 
_pdbx_nmr_constraints.NOE_intraresidue_total_count                  137 
_pdbx_nmr_constraints.NOE_long_range_total_count                    ? 
_pdbx_nmr_constraints.NOE_medium_range_total_count                  ? 
_pdbx_nmr_constraints.NOE_motional_averaging_correction             ? 
_pdbx_nmr_constraints.NOE_pseudoatom_corrections                    ? 
_pdbx_nmr_constraints.NOE_sequential_total_count                    68 
_pdbx_nmr_constraints.protein_chi_angle_constraints_total_count     ? 
_pdbx_nmr_constraints.protein_other_angle_constraints_total_count   ? 
_pdbx_nmr_constraints.protein_phi_angle_constraints_total_count     ? 
_pdbx_nmr_constraints.protein_psi_angle_constraints_total_count     ? 
# 
_pdbx_nmr_refine.entry_id           2MNB 
_pdbx_nmr_refine.method             na 
_pdbx_nmr_refine.details            ? 
_pdbx_nmr_refine.software_ordinal   1 
# 
loop_
_pdbx_nmr_software.authors 
_pdbx_nmr_software.classification 
_pdbx_nmr_software.name 
_pdbx_nmr_software.version 
_pdbx_nmr_software.ordinal 
'Bruker Biospin' collection                  Amber ? 1 
'Bruker Biospin' 'chemical shift assignment' Amber ? 2 
'Bruker Biospin' refinement                  Amber ? 3 
Goddard          collection                  Amber ? 4 
Goddard          'chemical shift assignment' Amber ? 5 
Goddard          refinement                  Amber ? 6 
# 
loop_
_chem_comp_atom.comp_id 
_chem_comp_atom.atom_id 
_chem_comp_atom.type_symbol 
_chem_comp_atom.pdbx_aromatic_flag 
_chem_comp_atom.pdbx_stereo_config 
_chem_comp_atom.pdbx_ordinal 
DA OP3    O N N 1   
DA P      P N N 2   
DA OP1    O N N 3   
DA OP2    O N N 4   
DA "O5'"  O N N 5   
DA "C5'"  C N N 6   
DA "C4'"  C N R 7   
DA "O4'"  O N N 8   
DA "C3'"  C N S 9   
DA "O3'"  O N N 10  
DA "C2'"  C N N 11  
DA "C1'"  C N R 12  
DA N9     N Y N 13  
DA C8     C Y N 14  
DA N7     N Y N 15  
DA C5     C Y N 16  
DA C6     C Y N 17  
DA N6     N N N 18  
DA N1     N Y N 19  
DA C2     C Y N 20  
DA N3     N Y N 21  
DA C4     C Y N 22  
DA HOP3   H N N 23  
DA HOP2   H N N 24  
DA "H5'"  H N N 25  
DA "H5''" H N N 26  
DA "H4'"  H N N 27  
DA "H3'"  H N N 28  
DA "HO3'" H N N 29  
DA "H2'"  H N N 30  
DA "H2''" H N N 31  
DA "H1'"  H N N 32  
DA H8     H N N 33  
DA H61    H N N 34  
DA H62    H N N 35  
DA H2     H N N 36  
DC OP3    O N N 37  
DC P      P N N 38  
DC OP1    O N N 39  
DC OP2    O N N 40  
DC "O5'"  O N N 41  
DC "C5'"  C N N 42  
DC "C4'"  C N R 43  
DC "O4'"  O N N 44  
DC "C3'"  C N S 45  
DC "O3'"  O N N 46  
DC "C2'"  C N N 47  
DC "C1'"  C N R 48  
DC N1     N N N 49  
DC C2     C N N 50  
DC O2     O N N 51  
DC N3     N N N 52  
DC C4     C N N 53  
DC N4     N N N 54  
DC C5     C N N 55  
DC C6     C N N 56  
DC HOP3   H N N 57  
DC HOP2   H N N 58  
DC "H5'"  H N N 59  
DC "H5''" H N N 60  
DC "H4'"  H N N 61  
DC "H3'"  H N N 62  
DC "HO3'" H N N 63  
DC "H2'"  H N N 64  
DC "H2''" H N N 65  
DC "H1'"  H N N 66  
DC H41    H N N 67  
DC H42    H N N 68  
DC H5     H N N 69  
DC H6     H N N 70  
DG OP3    O N N 71  
DG P      P N N 72  
DG OP1    O N N 73  
DG OP2    O N N 74  
DG "O5'"  O N N 75  
DG "C5'"  C N N 76  
DG "C4'"  C N R 77  
DG "O4'"  O N N 78  
DG "C3'"  C N S 79  
DG "O3'"  O N N 80  
DG "C2'"  C N N 81  
DG "C1'"  C N R 82  
DG N9     N Y N 83  
DG C8     C Y N 84  
DG N7     N Y N 85  
DG C5     C Y N 86  
DG C6     C N N 87  
DG O6     O N N 88  
DG N1     N N N 89  
DG C2     C N N 90  
DG N2     N N N 91  
DG N3     N N N 92  
DG C4     C Y N 93  
DG HOP3   H N N 94  
DG HOP2   H N N 95  
DG "H5'"  H N N 96  
DG "H5''" H N N 97  
DG "H4'"  H N N 98  
DG "H3'"  H N N 99  
DG "HO3'" H N N 100 
DG "H2'"  H N N 101 
DG "H2''" H N N 102 
DG "H1'"  H N N 103 
DG H8     H N N 104 
DG H1     H N N 105 
DG H21    H N N 106 
DG H22    H N N 107 
DT OP3    O N N 108 
DT P      P N N 109 
DT OP1    O N N 110 
DT OP2    O N N 111 
DT "O5'"  O N N 112 
DT "C5'"  C N N 113 
DT "C4'"  C N R 114 
DT "O4'"  O N N 115 
DT "C3'"  C N S 116 
DT "O3'"  O N N 117 
DT "C2'"  C N N 118 
DT "C1'"  C N R 119 
DT N1     N N N 120 
DT C2     C N N 121 
DT O2     O N N 122 
DT N3     N N N 123 
DT C4     C N N 124 
DT O4     O N N 125 
DT C5     C N N 126 
DT C7     C N N 127 
DT C6     C N N 128 
DT HOP3   H N N 129 
DT HOP2   H N N 130 
DT "H5'"  H N N 131 
DT "H5''" H N N 132 
DT "H4'"  H N N 133 
DT "H3'"  H N N 134 
DT "HO3'" H N N 135 
DT "H2'"  H N N 136 
DT "H2''" H N N 137 
DT "H1'"  H N N 138 
DT H3     H N N 139 
DT H71    H N N 140 
DT H72    H N N 141 
DT H73    H N N 142 
DT H6     H N N 143 
# 
loop_
_chem_comp_bond.comp_id 
_chem_comp_bond.atom_id_1 
_chem_comp_bond.atom_id_2 
_chem_comp_bond.value_order 
_chem_comp_bond.pdbx_aromatic_flag 
_chem_comp_bond.pdbx_stereo_config 
_chem_comp_bond.pdbx_ordinal 
DA OP3   P      sing N N 1   
DA OP3   HOP3   sing N N 2   
DA P     OP1    doub N N 3   
DA P     OP2    sing N N 4   
DA P     "O5'"  sing N N 5   
DA OP2   HOP2   sing N N 6   
DA "O5'" "C5'"  sing N N 7   
DA "C5'" "C4'"  sing N N 8   
DA "C5'" "H5'"  sing N N 9   
DA "C5'" "H5''" sing N N 10  
DA "C4'" "O4'"  sing N N 11  
DA "C4'" "C3'"  sing N N 12  
DA "C4'" "H4'"  sing N N 13  
DA "O4'" "C1'"  sing N N 14  
DA "C3'" "O3'"  sing N N 15  
DA "C3'" "C2'"  sing N N 16  
DA "C3'" "H3'"  sing N N 17  
DA "O3'" "HO3'" sing N N 18  
DA "C2'" "C1'"  sing N N 19  
DA "C2'" "H2'"  sing N N 20  
DA "C2'" "H2''" sing N N 21  
DA "C1'" N9     sing N N 22  
DA "C1'" "H1'"  sing N N 23  
DA N9    C8     sing Y N 24  
DA N9    C4     sing Y N 25  
DA C8    N7     doub Y N 26  
DA C8    H8     sing N N 27  
DA N7    C5     sing Y N 28  
DA C5    C6     sing Y N 29  
DA C5    C4     doub Y N 30  
DA C6    N6     sing N N 31  
DA C6    N1     doub Y N 32  
DA N6    H61    sing N N 33  
DA N6    H62    sing N N 34  
DA N1    C2     sing Y N 35  
DA C2    N3     doub Y N 36  
DA C2    H2     sing N N 37  
DA N3    C4     sing Y N 38  
DC OP3   P      sing N N 39  
DC OP3   HOP3   sing N N 40  
DC P     OP1    doub N N 41  
DC P     OP2    sing N N 42  
DC P     "O5'"  sing N N 43  
DC OP2   HOP2   sing N N 44  
DC "O5'" "C5'"  sing N N 45  
DC "C5'" "C4'"  sing N N 46  
DC "C5'" "H5'"  sing N N 47  
DC "C5'" "H5''" sing N N 48  
DC "C4'" "O4'"  sing N N 49  
DC "C4'" "C3'"  sing N N 50  
DC "C4'" "H4'"  sing N N 51  
DC "O4'" "C1'"  sing N N 52  
DC "C3'" "O3'"  sing N N 53  
DC "C3'" "C2'"  sing N N 54  
DC "C3'" "H3'"  sing N N 55  
DC "O3'" "HO3'" sing N N 56  
DC "C2'" "C1'"  sing N N 57  
DC "C2'" "H2'"  sing N N 58  
DC "C2'" "H2''" sing N N 59  
DC "C1'" N1     sing N N 60  
DC "C1'" "H1'"  sing N N 61  
DC N1    C2     sing N N 62  
DC N1    C6     sing N N 63  
DC C2    O2     doub N N 64  
DC C2    N3     sing N N 65  
DC N3    C4     doub N N 66  
DC C4    N4     sing N N 67  
DC C4    C5     sing N N 68  
DC N4    H41    sing N N 69  
DC N4    H42    sing N N 70  
DC C5    C6     doub N N 71  
DC C5    H5     sing N N 72  
DC C6    H6     sing N N 73  
DG OP3   P      sing N N 74  
DG OP3   HOP3   sing N N 75  
DG P     OP1    doub N N 76  
DG P     OP2    sing N N 77  
DG P     "O5'"  sing N N 78  
DG OP2   HOP2   sing N N 79  
DG "O5'" "C5'"  sing N N 80  
DG "C5'" "C4'"  sing N N 81  
DG "C5'" "H5'"  sing N N 82  
DG "C5'" "H5''" sing N N 83  
DG "C4'" "O4'"  sing N N 84  
DG "C4'" "C3'"  sing N N 85  
DG "C4'" "H4'"  sing N N 86  
DG "O4'" "C1'"  sing N N 87  
DG "C3'" "O3'"  sing N N 88  
DG "C3'" "C2'"  sing N N 89  
DG "C3'" "H3'"  sing N N 90  
DG "O3'" "HO3'" sing N N 91  
DG "C2'" "C1'"  sing N N 92  
DG "C2'" "H2'"  sing N N 93  
DG "C2'" "H2''" sing N N 94  
DG "C1'" N9     sing N N 95  
DG "C1'" "H1'"  sing N N 96  
DG N9    C8     sing Y N 97  
DG N9    C4     sing Y N 98  
DG C8    N7     doub Y N 99  
DG C8    H8     sing N N 100 
DG N7    C5     sing Y N 101 
DG C5    C6     sing N N 102 
DG C5    C4     doub Y N 103 
DG C6    O6     doub N N 104 
DG C6    N1     sing N N 105 
DG N1    C2     sing N N 106 
DG N1    H1     sing N N 107 
DG C2    N2     sing N N 108 
DG C2    N3     doub N N 109 
DG N2    H21    sing N N 110 
DG N2    H22    sing N N 111 
DG N3    C4     sing N N 112 
DT OP3   P      sing N N 113 
DT OP3   HOP3   sing N N 114 
DT P     OP1    doub N N 115 
DT P     OP2    sing N N 116 
DT P     "O5'"  sing N N 117 
DT OP2   HOP2   sing N N 118 
DT "O5'" "C5'"  sing N N 119 
DT "C5'" "C4'"  sing N N 120 
DT "C5'" "H5'"  sing N N 121 
DT "C5'" "H5''" sing N N 122 
DT "C4'" "O4'"  sing N N 123 
DT "C4'" "C3'"  sing N N 124 
DT "C4'" "H4'"  sing N N 125 
DT "O4'" "C1'"  sing N N 126 
DT "C3'" "O3'"  sing N N 127 
DT "C3'" "C2'"  sing N N 128 
DT "C3'" "H3'"  sing N N 129 
DT "O3'" "HO3'" sing N N 130 
DT "C2'" "C1'"  sing N N 131 
DT "C2'" "H2'"  sing N N 132 
DT "C2'" "H2''" sing N N 133 
DT "C1'" N1     sing N N 134 
DT "C1'" "H1'"  sing N N 135 
DT N1    C2     sing N N 136 
DT N1    C6     sing N N 137 
DT C2    O2     doub N N 138 
DT C2    N3     sing N N 139 
DT N3    C4     sing N N 140 
DT N3    H3     sing N N 141 
DT C4    O4     doub N N 142 
DT C4    C5     sing N N 143 
DT C5    C7     sing N N 144 
DT C5    C6     doub N N 145 
DT C7    H71    sing N N 146 
DT C7    H72    sing N N 147 
DT C7    H73    sing N N 148 
DT C6    H6     sing N N 149 
# 
loop_
_ndb_struct_conf_na.entry_id 
_ndb_struct_conf_na.feature 
2MNB 'double helix'        
2MNB 'b-form double helix' 
# 
loop_
_ndb_struct_na_base_pair.model_number 
_ndb_struct_na_base_pair.i_label_asym_id 
_ndb_struct_na_base_pair.i_label_comp_id 
_ndb_struct_na_base_pair.i_label_seq_id 
_ndb_struct_na_base_pair.i_symmetry 
_ndb_struct_na_base_pair.j_label_asym_id 
_ndb_struct_na_base_pair.j_label_comp_id 
_ndb_struct_na_base_pair.j_label_seq_id 
_ndb_struct_na_base_pair.j_symmetry 
_ndb_struct_na_base_pair.shear 
_ndb_struct_na_base_pair.stretch 
_ndb_struct_na_base_pair.stagger 
_ndb_struct_na_base_pair.buckle 
_ndb_struct_na_base_pair.propeller 
_ndb_struct_na_base_pair.opening 
_ndb_struct_na_base_pair.pair_number 
_ndb_struct_na_base_pair.pair_name 
_ndb_struct_na_base_pair.i_auth_asym_id 
_ndb_struct_na_base_pair.i_auth_seq_id 
_ndb_struct_na_base_pair.i_PDB_ins_code 
_ndb_struct_na_base_pair.j_auth_asym_id 
_ndb_struct_na_base_pair.j_auth_seq_id 
_ndb_struct_na_base_pair.j_PDB_ins_code 
_ndb_struct_na_base_pair.hbond_type_28 
_ndb_struct_na_base_pair.hbond_type_12 
1 A DC 1  1_555 B DG 10 1_555 0.284  -0.243 -0.605 10.684  -9.588  2.256  1  A_DC1:DG20_B  A 1  ? B 20 ? 19 1 
1 A DG 2  1_555 B DC 9  1_555 -0.035 -0.185 -0.261 1.935   -4.859  0.781  2  A_DG2:DC19_B  A 2  ? B 19 ? 19 1 
1 A DA 3  1_555 B DT 8  1_555 0.084  -0.111 0.310  27.964  -22.122 -4.200 3  A_DA3:DT18_B  A 3  ? B 18 ? 20 1 
1 A DC 4  1_555 B DG 7  1_555 0.073  -0.178 0.103  12.504  -3.513  -1.286 4  A_DC4:DG17_B  A 4  ? B 17 ? 19 1 
1 A DG 5  1_555 B DC 6  1_555 -0.049 -0.201 -0.192 0.107   -17.931 1.174  5  A_DG5:DC16_B  A 5  ? B 16 ? 19 1 
1 A DC 6  1_555 B DG 5  1_555 0.066  -0.213 -0.130 -3.831  -17.734 1.044  6  A_DC6:DG15_B  A 6  ? B 15 ? 19 1 
1 A DG 7  1_555 B DC 4  1_555 -0.177 -0.146 -0.036 -18.356 -8.247  -0.149 7  A_DG7:DC14_B  A 7  ? B 14 ? 19 1 
1 A DT 8  1_555 B DA 3  1_555 -0.115 -0.103 0.574  -21.521 -18.060 -6.486 8  A_DT8:DA13_B  A 8  ? B 13 ? 20 1 
1 A DC 9  1_555 B DG 2  1_555 0.002  -0.199 0.021  -2.667  -21.682 0.022  9  A_DC9:DG12_B  A 9  ? B 12 ? 19 1 
1 A DG 10 1_555 B DC 1  1_555 -0.523 -0.249 -0.909 -26.595 -23.340 5.884  10 A_DG10:DC11_B A 10 ? B 11 ? 19 1 
# 
loop_
_ndb_struct_na_base_pair_step.model_number 
_ndb_struct_na_base_pair_step.i_label_asym_id_1 
_ndb_struct_na_base_pair_step.i_label_comp_id_1 
_ndb_struct_na_base_pair_step.i_label_seq_id_1 
_ndb_struct_na_base_pair_step.i_symmetry_1 
_ndb_struct_na_base_pair_step.j_label_asym_id_1 
_ndb_struct_na_base_pair_step.j_label_comp_id_1 
_ndb_struct_na_base_pair_step.j_label_seq_id_1 
_ndb_struct_na_base_pair_step.j_symmetry_1 
_ndb_struct_na_base_pair_step.i_label_asym_id_2 
_ndb_struct_na_base_pair_step.i_label_comp_id_2 
_ndb_struct_na_base_pair_step.i_label_seq_id_2 
_ndb_struct_na_base_pair_step.i_symmetry_2 
_ndb_struct_na_base_pair_step.j_label_asym_id_2 
_ndb_struct_na_base_pair_step.j_label_comp_id_2 
_ndb_struct_na_base_pair_step.j_label_seq_id_2 
_ndb_struct_na_base_pair_step.j_symmetry_2 
_ndb_struct_na_base_pair_step.shift 
_ndb_struct_na_base_pair_step.slide 
_ndb_struct_na_base_pair_step.rise 
_ndb_struct_na_base_pair_step.tilt 
_ndb_struct_na_base_pair_step.roll 
_ndb_struct_na_base_pair_step.twist 
_ndb_struct_na_base_pair_step.x_displacement 
_ndb_struct_na_base_pair_step.y_displacement 
_ndb_struct_na_base_pair_step.helical_rise 
_ndb_struct_na_base_pair_step.inclination 
_ndb_struct_na_base_pair_step.tip 
_ndb_struct_na_base_pair_step.helical_twist 
_ndb_struct_na_base_pair_step.step_number 
_ndb_struct_na_base_pair_step.step_name 
_ndb_struct_na_base_pair_step.i_auth_asym_id_1 
_ndb_struct_na_base_pair_step.i_auth_seq_id_1 
_ndb_struct_na_base_pair_step.i_PDB_ins_code_1 
_ndb_struct_na_base_pair_step.j_auth_asym_id_1 
_ndb_struct_na_base_pair_step.j_auth_seq_id_1 
_ndb_struct_na_base_pair_step.j_PDB_ins_code_1 
_ndb_struct_na_base_pair_step.i_auth_asym_id_2 
_ndb_struct_na_base_pair_step.i_auth_seq_id_2 
_ndb_struct_na_base_pair_step.i_PDB_ins_code_2 
_ndb_struct_na_base_pair_step.j_auth_asym_id_2 
_ndb_struct_na_base_pair_step.j_auth_seq_id_2 
_ndb_struct_na_base_pair_step.j_PDB_ins_code_2 
1 A DC 1 1_555 B DG 10 1_555 A DG 2  1_555 B DC 9 1_555 -1.669 -0.190 3.689 -1.411 11.300 34.899 -2.055 2.434  3.523 18.251  2.279 
36.655 1 AA_DC1DG2:DC19DG20_BB  A 1 ? B 20 ? A 2  ? B 19 ? 
1 A DG 2 1_555 B DC 9  1_555 A DA 3  1_555 B DT 8 1_555 -0.031 -0.343 2.878 -7.760 2.295  32.993 -0.911 -1.040 2.784 3.967   
13.414  33.944 2 AA_DG2DA3:DT18DC19_BB  A 2 ? B 19 ? A 3  ? B 18 ? 
1 A DA 3 1_555 B DT 8  1_555 A DC 4  1_555 B DG 7 1_555 -0.871 -0.038 4.018 2.417  15.280 14.176 -7.967 3.640  2.599 47.159  
-7.461  20.954 3 AA_DA3DC4:DG17DT18_BB  A 3 ? B 18 ? A 4  ? B 17 ? 
1 A DC 4 1_555 B DG 7  1_555 A DG 5  1_555 B DC 6 1_555 -1.233 0.124  3.559 -1.395 15.121 32.782 -2.180 1.773  3.344 25.178  2.323 
36.041 4 AA_DC4DG5:DC16DG17_BB  A 4 ? B 17 ? A 5  ? B 16 ? 
1 A DG 5 1_555 B DC 6  1_555 A DC 6  1_555 B DG 5 1_555 -0.007 -0.030 3.248 0.094  0.582  38.358 -0.118 0.022  3.247 0.885   
-0.144  38.362 5 AA_DG5DC6:DG15DC16_BB  A 5 ? B 16 ? A 6  ? B 15 ? 
1 A DC 6 1_555 B DG 5  1_555 A DG 7  1_555 B DC 4 1_555 0.739  -0.005 3.625 3.448  12.327 39.666 -1.470 -0.631 3.521 17.619  
-4.927  41.601 6 AA_DC6DG7:DC14DG15_BB  A 6 ? B 15 ? A 7  ? B 14 ? 
1 A DG 7 1_555 B DC 4  1_555 A DT 8  1_555 B DA 3 1_555 -0.451 -0.423 3.496 -3.228 1.271  18.268 -2.047 -0.480 3.485 3.956   
10.051  18.592 7 AA_DG7DT8:DA13DC14_BB  A 7 ? B 14 ? A 8  ? B 13 ? 
1 A DT 8 1_555 B DA 3  1_555 A DC 9  1_555 B DG 2 1_555 0.408  -0.010 2.957 7.830  -9.987 34.824 1.222  0.327  2.875 -16.043 
-12.578 36.997 8 AA_DT8DC9:DG12DA13_BB  A 8 ? B 13 ? A 9  ? B 12 ? 
1 A DC 9 1_555 B DG 2  1_555 A DG 10 1_555 B DC 1 1_555 2.070  -0.666 4.104 11.881 16.931 39.321 -2.962 -1.292 3.956 23.308  
-16.356 44.238 9 AA_DC9DG10:DC11DG12_BB A 9 ? B 12 ? A 10 ? B 11 ? 
# 
_pdbx_nmr_spectrometer.field_strength    600 
_pdbx_nmr_spectrometer.manufacturer      Bruker 
_pdbx_nmr_spectrometer.model             AVANCE 
_pdbx_nmr_spectrometer.spectrometer_id   1 
_pdbx_nmr_spectrometer.type              'Bruker Avance' 
# 
_atom_sites.entry_id                    2MNB 
_atom_sites.fract_transf_matrix[1][1]   1.000000 
_atom_sites.fract_transf_matrix[1][2]   0.000000 
_atom_sites.fract_transf_matrix[1][3]   0.000000 
_atom_sites.fract_transf_matrix[2][1]   0.000000 
_atom_sites.fract_transf_matrix[2][2]   1.000000 
_atom_sites.fract_transf_matrix[2][3]   0.000000 
_atom_sites.fract_transf_matrix[3][1]   0.000000 
_atom_sites.fract_transf_matrix[3][2]   0.000000 
_atom_sites.fract_transf_matrix[3][3]   1.000000 
_atom_sites.fract_transf_vector[1]      0.00000 
_atom_sites.fract_transf_vector[2]      0.00000 
_atom_sites.fract_transf_vector[3]      0.00000 
# 
loop_
_atom_type.symbol 
C 
H 
N 
O 
P 
# 
loop_
_atom_site.group_PDB 
_atom_site.id 
_atom_site.type_symbol 
_atom_site.label_atom_id 
_atom_site.label_alt_id 
_atom_site.label_comp_id 
_atom_site.label_asym_id 
_atom_site.label_entity_id 
_atom_site.label_seq_id 
_atom_site.pdbx_PDB_ins_code 
_atom_site.Cartn_x 
_atom_site.Cartn_y 
_atom_site.Cartn_z 
_atom_site.occupancy 
_atom_site.B_iso_or_equiv 
_atom_site.pdbx_formal_charge 
_atom_site.auth_seq_id 
_atom_site.auth_comp_id 
_atom_site.auth_asym_id 
_atom_site.auth_atom_id 
_atom_site.pdbx_PDB_model_num 
ATOM 1   O "O5'"  . DC A 1 1  ? 7.078   4.962   -12.098 1.00 0.00 ?  1  DC A "O5'"  1 
ATOM 2   C "C5'"  . DC A 1 1  ? 8.283   5.524   -11.866 1.00 0.00 ?  1  DC A "C5'"  1 
ATOM 3   C "C4'"  . DC A 1 1  ? 8.294   6.410   -10.667 1.00 0.00 ?  1  DC A "C4'"  1 
ATOM 4   O "O4'"  . DC A 1 1  ? 7.516   7.555   -10.815 1.00 0.00 ?  1  DC A "O4'"  1 
ATOM 5   C "C3'"  . DC A 1 1  ? 7.970   5.761   -9.363  1.00 0.00 ?  1  DC A "C3'"  1 
ATOM 6   O "O3'"  . DC A 1 1  ? 9.113   5.551   -8.611  1.00 0.00 ?  1  DC A "O3'"  1 
ATOM 7   C "C2'"  . DC A 1 1  ? 7.220   6.892   -8.704  1.00 0.00 ?  1  DC A "C2'"  1 
ATOM 8   C "C1'"  . DC A 1 1  ? 7.481   8.084   -9.545  1.00 0.00 ?  1  DC A "C1'"  1 
ATOM 9   N N1     . DC A 1 1  ? 6.437   9.089   -9.356  1.00 0.00 ?  1  DC A N1     1 
ATOM 10  C C2     . DC A 1 1  ? 6.596   10.060  -8.413  1.00 0.00 ?  1  DC A C2     1 
ATOM 11  O O2     . DC A 1 1  ? 7.636   10.203  -7.842  1.00 0.00 ?  1  DC A O2     1 
ATOM 12  N N3     . DC A 1 1  ? 5.598   10.872  -8.085  1.00 0.00 ?  1  DC A N3     1 
ATOM 13  C C4     . DC A 1 1  ? 4.471   10.715  -8.671  1.00 0.00 ?  1  DC A C4     1 
ATOM 14  N N4     . DC A 1 1  ? 3.546   11.496  -8.277  1.00 0.00 ?  1  DC A N4     1 
ATOM 15  C C5     . DC A 1 1  ? 4.243   9.754   -9.648  1.00 0.00 ?  1  DC A C5     1 
ATOM 16  C C6     . DC A 1 1  ? 5.262   8.940   -9.961  1.00 0.00 ?  1  DC A C6     1 
ATOM 17  H "H5'"  . DC A 1 1  ? 8.552   6.082   -12.696 1.00 0.00 ?  1  DC A "H5'"  1 
ATOM 18  H "H5''" . DC A 1 1  ? 8.991   4.767   -11.732 1.00 0.00 ?  1  DC A "H5''" 1 
ATOM 19  H "H4'"  . DC A 1 1  ? 9.268   6.783   -10.505 1.00 0.00 ?  1  DC A "H4'"  1 
ATOM 20  H "H3'"  . DC A 1 1  ? 7.411   4.869   -9.485  1.00 0.00 ?  1  DC A "H3'"  1 
ATOM 21  H "H2'"  . DC A 1 1  ? 6.172   6.730   -8.646  1.00 0.00 ?  1  DC A "H2'"  1 
ATOM 22  H "H2''" . DC A 1 1  ? 7.646   7.109   -7.757  1.00 0.00 ?  1  DC A "H2''" 1 
ATOM 23  H "H1'"  . DC A 1 1  ? 8.431   8.461   -9.272  1.00 0.00 ?  1  DC A "H1'"  1 
ATOM 24  H H41    . DC A 1 1  ? 3.738   12.091  -7.531  1.00 0.00 ?  1  DC A H41    1 
ATOM 25  H H42    . DC A 1 1  ? 2.668   11.419  -8.666  1.00 0.00 ?  1  DC A H42    1 
ATOM 26  H H5     . DC A 1 1  ? 3.296   9.668   -10.086 1.00 0.00 ?  1  DC A H5     1 
ATOM 27  H H6     . DC A 1 1  ? 5.222   8.142   -10.647 1.00 0.00 ?  1  DC A H6     1 
ATOM 28  H "HO5'" . DC A 1 1  ? 6.729   5.141   -12.297 1.00 0.00 ?  1  DC A "HO5'" 1 
ATOM 29  P P      . DG A 1 2  ? 9.952   4.314   -8.535  1.00 0.00 ?  2  DG A P      1 
ATOM 30  O OP1    . DG A 1 2  ? 11.136  4.543   -9.229  1.00 0.00 ?  2  DG A OP1    1 
ATOM 31  O OP2    . DG A 1 2  ? 9.146   3.185   -8.861  1.00 0.00 ?  2  DG A OP2    1 
ATOM 32  O "O5'"  . DG A 1 2  ? 10.270  4.289   -7.027  1.00 0.00 ?  2  DG A "O5'"  1 
ATOM 33  C "C5'"  . DG A 1 2  ? 11.201  5.026   -6.381  1.00 0.00 ?  2  DG A "C5'"  1 
ATOM 34  C "C4'"  . DG A 1 2  ? 11.107  5.048   -4.876  1.00 0.00 ?  2  DG A "C4'"  1 
ATOM 35  O "O4'"  . DG A 1 2  ? 10.532  6.241   -4.457  1.00 0.00 ?  2  DG A "O4'"  1 
ATOM 36  C "C3'"  . DG A 1 2  ? 10.329  3.887   -4.266  1.00 0.00 ?  2  DG A "C3'"  1 
ATOM 37  O "O3'"  . DG A 1 2  ? 11.179  3.118   -3.430  1.00 0.00 ?  2  DG A "O3'"  1 
ATOM 38  C "C2'"  . DG A 1 2  ? 9.227   4.533   -3.515  1.00 0.00 ?  2  DG A "C2'"  1 
ATOM 39  C "C1'"  . DG A 1 2  ? 9.386   6.011   -3.705  1.00 0.00 ?  2  DG A "C1'"  1 
ATOM 40  N N9     . DG A 1 2  ? 8.235   6.620   -4.370  1.00 0.00 ?  2  DG A N9     1 
ATOM 41  C C8     . DG A 1 2  ? 7.573   6.273   -5.505  1.00 0.00 ?  2  DG A C8     1 
ATOM 42  N N7     . DG A 1 2  ? 6.463   6.914   -5.662  1.00 0.00 ?  2  DG A N7     1 
ATOM 43  C C5     . DG A 1 2  ? 6.421   7.795   -4.609  1.00 0.00 ?  2  DG A C5     1 
ATOM 44  C C6     . DG A 1 2  ? 5.501   8.818   -4.263  1.00 0.00 ?  2  DG A C6     1 
ATOM 45  O O6     . DG A 1 2  ? 4.487   9.167   -4.826  1.00 0.00 ?  2  DG A O6     1 
ATOM 46  N N1     . DG A 1 2  ? 5.835   9.477   -3.132  1.00 0.00 ?  2  DG A N1     1 
ATOM 47  C C2     . DG A 1 2  ? 6.934   9.231   -2.425  1.00 0.00 ?  2  DG A C2     1 
ATOM 48  N N2     . DG A 1 2  ? 7.127   9.930   -1.380  1.00 0.00 ?  2  DG A N2     1 
ATOM 49  N N3     . DG A 1 2  ? 7.824   8.317   -2.713  1.00 0.00 ?  2  DG A N3     1 
ATOM 50  C C4     . DG A 1 2  ? 7.511   7.624   -3.822  1.00 0.00 ?  2  DG A C4     1 
ATOM 51  H "H5'"  . DG A 1 2  ? 11.142  5.973   -6.729  1.00 0.00 ?  2  DG A "H5'"  1 
ATOM 52  H "H5''" . DG A 1 2  ? 12.094  4.666   -6.627  1.00 0.00 ?  2  DG A "H5''" 1 
ATOM 53  H "H4'"  . DG A 1 2  ? 12.101  5.037   -4.501  1.00 0.00 ?  2  DG A "H4'"  1 
ATOM 54  H "H3'"  . DG A 1 2  ? 9.838   3.314   -5.019  1.00 0.00 ?  2  DG A "H3'"  1 
ATOM 55  H "H2'"  . DG A 1 2  ? 8.290   4.236   -3.928  1.00 0.00 ?  2  DG A "H2'"  1 
ATOM 56  H "H2''" . DG A 1 2  ? 9.334   4.271   -2.478  1.00 0.00 ?  2  DG A "H2''" 1 
ATOM 57  H "H1'"  . DG A 1 2  ? 9.466   6.429   -2.725  1.00 0.00 ?  2  DG A "H1'"  1 
ATOM 58  H H8     . DG A 1 2  ? 7.934   5.601   -6.238  1.00 0.00 ?  2  DG A H8     1 
ATOM 59  H H1     . DG A 1 2  ? 5.192   10.136  -2.784  1.00 0.00 ?  2  DG A H1     1 
ATOM 60  H H21    . DG A 1 2  ? 7.898   9.703   -0.824  1.00 0.00 ?  2  DG A H21    1 
ATOM 61  H H22    . DG A 1 2  ? 6.454   10.581  -1.093  1.00 0.00 ?  2  DG A H22    1 
ATOM 62  P P      . DA A 1 3  ? 10.717  1.929   -2.470  1.00 0.00 ?  3  DA A P      1 
ATOM 63  O OP1    . DA A 1 3  ? 11.901  1.183   -2.100  1.00 0.00 ?  3  DA A OP1    1 
ATOM 64  O OP2    . DA A 1 3  ? 9.637   1.228   -3.119  1.00 0.00 ?  3  DA A OP2    1 
ATOM 65  O "O5'"  . DA A 1 3  ? 10.147  2.577   -1.148  1.00 0.00 ?  3  DA A "O5'"  1 
ATOM 66  C "C5'"  . DA A 1 3  ? 10.913  3.457   -0.390  1.00 0.00 ?  3  DA A "C5'"  1 
ATOM 67  C "C4'"  . DA A 1 3  ? 10.146  4.356   0.550   1.00 0.00 ?  3  DA A "C4'"  1 
ATOM 68  O "O4'"  . DA A 1 3  ? 9.285   5.273   -0.115  1.00 0.00 ?  3  DA A "O4'"  1 
ATOM 69  C "C3'"  . DA A 1 3  ? 9.340   3.650   1.617   1.00 0.00 ?  3  DA A "C3'"  1 
ATOM 70  O "O3'"  . DA A 1 3  ? 9.625   4.183   2.876   1.00 0.00 ?  3  DA A "O3'"  1 
ATOM 71  C "C2'"  . DA A 1 3  ? 7.969   3.955   1.199   1.00 0.00 ?  3  DA A "C2'"  1 
ATOM 72  C "C1'"  . DA A 1 3  ? 8.011   5.249   0.476   1.00 0.00 ?  3  DA A "C1'"  1 
ATOM 73  N N9     . DA A 1 3  ? 6.940   5.314   -0.519  1.00 0.00 ?  3  DA A N9     1 
ATOM 74  C C8     . DA A 1 3  ? 6.662   4.376   -1.436  1.00 0.00 ?  3  DA A C8     1 
ATOM 75  N N7     . DA A 1 3  ? 5.697   4.660   -2.237  1.00 0.00 ?  3  DA A N7     1 
ATOM 76  C C5     . DA A 1 3  ? 5.216   5.840   -1.708  1.00 0.00 ?  3  DA A C5     1 
ATOM 77  C C6     . DA A 1 3  ? 4.130   6.663   -1.994  1.00 0.00 ?  3  DA A C6     1 
ATOM 78  N N6     . DA A 1 3  ? 3.328   6.506   -2.996  1.00 0.00 ?  3  DA A N6     1 
ATOM 79  N N1     . DA A 1 3  ? 3.849   7.698   -1.246  1.00 0.00 ?  3  DA A N1     1 
ATOM 80  C C2     . DA A 1 3  ? 4.629   7.935   -0.231  1.00 0.00 ?  3  DA A C2     1 
ATOM 81  N N3     . DA A 1 3  ? 5.689   7.265   0.162   1.00 0.00 ?  3  DA A N3     1 
ATOM 82  C C4     . DA A 1 3  ? 5.933   6.218   -0.633  1.00 0.00 ?  3  DA A C4     1 
ATOM 83  H "H5'"  . DA A 1 3  ? 11.462  4.091   -1.049  1.00 0.00 ?  3  DA A "H5'"  1 
ATOM 84  H "H5''" . DA A 1 3  ? 11.609  2.893   0.180   1.00 0.00 ?  3  DA A "H5''" 1 
ATOM 85  H "H4'"  . DA A 1 3  ? 10.887  4.926   1.068   1.00 0.00 ?  3  DA A "H4'"  1 
ATOM 86  H "H3'"  . DA A 1 3  ? 9.342   2.574   1.610   1.00 0.00 ?  3  DA A "H3'"  1 
ATOM 87  H "H2'"  . DA A 1 3  ? 7.676   3.213   0.483   1.00 0.00 ?  3  DA A "H2'"  1 
ATOM 88  H "H2''" . DA A 1 3  ? 7.350   3.957   2.076   1.00 0.00 ?  3  DA A "H2''" 1 
ATOM 89  H "H1'"  . DA A 1 3  ? 7.866   5.980   1.245   1.00 0.00 ?  3  DA A "H1'"  1 
ATOM 90  H H8     . DA A 1 3  ? 7.208   3.463   -1.434  1.00 0.00 ?  3  DA A H8     1 
ATOM 91  H H61    . DA A 1 3  ? 2.617   7.171   -3.141  1.00 0.00 ?  3  DA A H61    1 
ATOM 92  H H62    . DA A 1 3  ? 3.465   5.751   -3.594  1.00 0.00 ?  3  DA A H62    1 
ATOM 93  H H2     . DA A 1 3  ? 4.380   8.777   0.352   1.00 0.00 ?  3  DA A H2     1 
ATOM 94  P P      . DC A 1 4  ? 10.302  3.339   3.999   1.00 0.00 ?  4  DC A P      1 
ATOM 95  O OP1    . DC A 1 4  ? 10.854  4.251   4.974   1.00 0.00 ?  4  DC A OP1    1 
ATOM 96  O OP2    . DC A 1 4  ? 11.158  2.345   3.398   1.00 0.00 ?  4  DC A OP2    1 
ATOM 97  O "O5'"  . DC A 1 4  ? 9.088   2.608   4.633   1.00 0.00 ?  4  DC A "O5'"  1 
ATOM 98  C "C5'"  . DC A 1 4  ? 8.236   3.240   5.529   1.00 0.00 ?  4  DC A "C5'"  1 
ATOM 99  C "C4'"  . DC A 1 4  ? 6.807   2.777   5.416   1.00 0.00 ?  4  DC A "C4'"  1 
ATOM 100 O "O4'"  . DC A 1 4  ? 6.212   3.332   4.271   1.00 0.00 ?  4  DC A "O4'"  1 
ATOM 101 C "C3'"  . DC A 1 4  ? 6.630   1.267   5.349   1.00 0.00 ?  4  DC A "C3'"  1 
ATOM 102 O "O3'"  . DC A 1 4  ? 5.719   0.777   6.284   1.00 0.00 ?  4  DC A "O3'"  1 
ATOM 103 C "C2'"  . DC A 1 4  ? 6.010   1.070   3.996   1.00 0.00 ?  4  DC A "C2'"  1 
ATOM 104 C "C1'"  . DC A 1 4  ? 5.302   2.394   3.798   1.00 0.00 ?  4  DC A "C1'"  1 
ATOM 105 N N1     . DC A 1 4  ? 4.856   2.698   2.433   1.00 0.00 ?  4  DC A N1     1 
ATOM 106 C C2     . DC A 1 4  ? 3.769   3.530   2.262   1.00 0.00 ?  4  DC A C2     1 
ATOM 107 O O2     . DC A 1 4  ? 3.286   4.141   3.182   1.00 0.00 ?  4  DC A O2     1 
ATOM 108 N N3     . DC A 1 4  ? 3.206   3.693   1.068   1.00 0.00 ?  4  DC A N3     1 
ATOM 109 C C4     . DC A 1 4  ? 3.680   3.024   0.073   1.00 0.00 ?  4  DC A C4     1 
ATOM 110 N N4     . DC A 1 4  ? 3.087   3.182   -1.045  1.00 0.00 ?  4  DC A N4     1 
ATOM 111 C C5     . DC A 1 4  ? 4.817   2.218   0.168   1.00 0.00 ?  4  DC A C5     1 
ATOM 112 C C6     . DC A 1 4  ? 5.392   2.091   1.361   1.00 0.00 ?  4  DC A C6     1 
ATOM 113 H "H5'"  . DC A 1 4  ? 8.251   4.290   5.368   1.00 0.00 ?  4  DC A "H5'"  1 
ATOM 114 H "H5''" . DC A 1 4  ? 8.584   3.052   6.514   1.00 0.00 ?  4  DC A "H5''" 1 
ATOM 115 H "H4'"  . DC A 1 4  ? 6.280   3.139   6.269   1.00 0.00 ?  4  DC A "H4'"  1 
ATOM 116 H "H3'"  . DC A 1 4  ? 7.559   0.752   5.422   1.00 0.00 ?  4  DC A "H3'"  1 
ATOM 117 H "H2'"  . DC A 1 4  ? 6.779   0.886   3.275   1.00 0.00 ?  4  DC A "H2'"  1 
ATOM 118 H "H2''" . DC A 1 4  ? 5.280   0.276   4.012   1.00 0.00 ?  4  DC A "H2''" 1 
ATOM 119 H "H1'"  . DC A 1 4  ? 4.434   2.395   4.426   1.00 0.00 ?  4  DC A "H1'"  1 
ATOM 120 H H41    . DC A 1 4  ? 2.315   3.792   -1.085  1.00 0.00 ?  4  DC A H41    1 
ATOM 121 H H42    . DC A 1 4  ? 3.448   2.738   -1.831  1.00 0.00 ?  4  DC A H42    1 
ATOM 122 H H5     . DC A 1 4  ? 5.241   1.720   -0.659  1.00 0.00 ?  4  DC A H5     1 
ATOM 123 H H6     . DC A 1 4  ? 6.286   1.532   1.467   1.00 0.00 ?  4  DC A H6     1 
ATOM 124 P P      . DG A 1 5  ? 6.068   0.576   7.788   1.00 0.00 ?  5  DG A P      1 
ATOM 125 O OP1    . DG A 1 5  ? 7.081   1.539   8.208   1.00 0.00 ?  5  DG A OP1    1 
ATOM 126 O OP2    . DG A 1 5  ? 6.286   -0.842  8.003   1.00 0.00 ?  5  DG A OP2    1 
ATOM 127 O "O5'"  . DG A 1 5  ? 4.703   0.924   8.458   1.00 0.00 ?  5  DG A "O5'"  1 
ATOM 128 C "C5'"  . DG A 1 5  ? 4.283   2.236   8.630   1.00 0.00 ?  5  DG A "C5'"  1 
ATOM 129 C "C4'"  . DG A 1 5  ? 2.782   2.379   8.751   1.00 0.00 ?  5  DG A "C4'"  1 
ATOM 130 O "O4'"  . DG A 1 5  ? 2.222   2.668   7.503   1.00 0.00 ?  5  DG A "O4'"  1 
ATOM 131 C "C3'"  . DG A 1 5  ? 2.047   1.161   9.289   1.00 0.00 ?  5  DG A "C3'"  1 
ATOM 132 O "O3'"  . DG A 1 5  ? 0.998   1.588   10.096  1.00 0.00 ?  5  DG A "O3'"  1 
ATOM 133 C "C2'"  . DG A 1 5  ? 1.639   0.477   8.031   1.00 0.00 ?  5  DG A "C2'"  1 
ATOM 134 C "C1'"  . DG A 1 5  ? 1.363   1.627   7.123   1.00 0.00 ?  5  DG A "C1'"  1 
ATOM 135 N N9     . DG A 1 5  ? 1.541   1.342   5.708   1.00 0.00 ?  5  DG A N9     1 
ATOM 136 C C8     . DG A 1 5  ? 2.554   0.693   5.098   1.00 0.00 ?  5  DG A C8     1 
ATOM 137 N N7     . DG A 1 5  ? 2.457   0.658   3.817   1.00 0.00 ?  5  DG A N7     1 
ATOM 138 C C5     . DG A 1 5  ? 1.268   1.306   3.564   1.00 0.00 ?  5  DG A C5     1 
ATOM 139 C C6     . DG A 1 5  ? 0.585   1.586   2.356   1.00 0.00 ?  5  DG A C6     1 
ATOM 140 O O6     . DG A 1 5  ? 0.906   1.358   1.213   1.00 0.00 ?  5  DG A O6     1 
ATOM 141 N N1     . DG A 1 5  ? -0.603  2.204   2.541   1.00 0.00 ?  5  DG A N1     1 
ATOM 142 C C2     . DG A 1 5  ? -1.075  2.560   3.728   1.00 0.00 ?  5  DG A C2     1 
ATOM 143 N N2     . DG A 1 5  ? -2.219  3.115   3.748   1.00 0.00 ?  5  DG A N2     1 
ATOM 144 N N3     . DG A 1 5  ? -0.464  2.371   4.866   1.00 0.00 ?  5  DG A N3     1 
ATOM 145 C C4     . DG A 1 5  ? 0.701   1.718   4.722   1.00 0.00 ?  5  DG A C4     1 
ATOM 146 H "H5'"  . DG A 1 5  ? 4.610   2.832   7.823   1.00 0.00 ?  5  DG A "H5'"  1 
ATOM 147 H "H5''" . DG A 1 5  ? 4.731   2.617   9.495   1.00 0.00 ?  5  DG A "H5''" 1 
ATOM 148 H "H4'"  . DG A 1 5  ? 2.598   3.198   9.409   1.00 0.00 ?  5  DG A "H4'"  1 
ATOM 149 H "H3'"  . DG A 1 5  ? 2.722   0.523   9.813   1.00 0.00 ?  5  DG A "H3'"  1 
ATOM 150 H "H2'"  . DG A 1 5  ? 2.485   -0.071  7.681   1.00 0.00 ?  5  DG A "H2'"  1 
ATOM 151 H "H2''" . DG A 1 5  ? 0.811   -0.209  8.124   1.00 0.00 ?  5  DG A "H2''" 1 
ATOM 152 H "H1'"  . DG A 1 5  ? 0.340   1.870   7.324   1.00 0.00 ?  5  DG A "H1'"  1 
ATOM 153 H H8     . DG A 1 5  ? 3.368   0.287   5.634   1.00 0.00 ?  5  DG A H8     1 
ATOM 154 H H1     . DG A 1 5  ? -1.167  2.352   1.751   1.00 0.00 ?  5  DG A H1     1 
ATOM 155 H H21    . DG A 1 5  ? -2.608  3.341   4.614   1.00 0.00 ?  5  DG A H21    1 
ATOM 156 H H22    . DG A 1 5  ? -2.746  3.169   2.922   1.00 0.00 ?  5  DG A H22    1 
ATOM 157 P P      . DC A 1 6  ? 0.007   0.617   10.844  1.00 0.00 ?  6  DC A P      1 
ATOM 158 O OP1    . DC A 1 6  ? -0.346  1.247   12.082  1.00 0.00 ?  6  DC A OP1    1 
ATOM 159 O OP2    . DC A 1 6  ? 0.556   -0.713  10.876  1.00 0.00 ?  6  DC A OP2    1 
ATOM 160 O "O5'"  . DC A 1 6  ? -1.248  0.597   9.931   1.00 0.00 ?  6  DC A "O5'"  1 
ATOM 161 C "C5'"  . DC A 1 6  ? -2.052  1.715   9.768   1.00 0.00 ?  6  DC A "C5'"  1 
ATOM 162 C "C4'"  . DC A 1 6  ? -3.206  1.489   8.826   1.00 0.00 ?  6  DC A "C4'"  1 
ATOM 163 O "O4'"  . DC A 1 6  ? -2.705  1.331   7.529   1.00 0.00 ?  6  DC A "O4'"  1 
ATOM 164 C "C3'"  . DC A 1 6  ? -4.046  0.258   9.169   1.00 0.00 ?  6  DC A "C3'"  1 
ATOM 165 O "O3'"  . DC A 1 6  ? -5.396  0.486   8.908   1.00 0.00 ?  6  DC A "O3'"  1 
ATOM 166 C "C2'"  . DC A 1 6  ? -3.421  -0.726  8.246   1.00 0.00 ?  6  DC A "C2'"  1 
ATOM 167 C "C1'"  . DC A 1 6  ? -3.226  0.143   7.024   1.00 0.00 ?  6  DC A "C1'"  1 
ATOM 168 N N1     . DC A 1 6  ? -2.352  -0.462  6.023   1.00 0.00 ?  6  DC A N1     1 
ATOM 169 C C2     . DC A 1 6  ? -2.655  -0.375  4.690   1.00 0.00 ?  6  DC A C2     1 
ATOM 170 O O2     . DC A 1 6  ? -3.681  0.116   4.310   1.00 0.00 ?  6  DC A O2     1 
ATOM 171 N N3     . DC A 1 6  ? -1.826  -0.857  3.769   1.00 0.00 ?  6  DC A N3     1 
ATOM 172 C C4     . DC A 1 6  ? -0.749  -1.450  4.158   1.00 0.00 ?  6  DC A C4     1 
ATOM 173 N N4     . DC A 1 6  ? 0.028   -1.863  3.241   1.00 0.00 ?  6  DC A N4     1 
ATOM 174 C C5     . DC A 1 6  ? -0.431  -1.645  5.500   1.00 0.00 ?  6  DC A C5     1 
ATOM 175 C C6     . DC A 1 6  ? -1.278  -1.163  6.397   1.00 0.00 ?  6  DC A C6     1 
ATOM 176 H "H5'"  . DC A 1 6  ? -1.466  2.528   9.406   1.00 0.00 ?  6  DC A "H5'"  1 
ATOM 177 H "H5''" . DC A 1 6  ? -2.448  1.990   10.702  1.00 0.00 ?  6  DC A "H5''" 1 
ATOM 178 H "H4'"  . DC A 1 6  ? -3.829  2.347   8.852   1.00 0.00 ?  6  DC A "H4'"  1 
ATOM 179 H "H3'"  . DC A 1 6  ? -3.910  -0.028  10.186  1.00 0.00 ?  6  DC A "H3'"  1 
ATOM 180 H "H2'"  . DC A 1 6  ? -2.561  -1.112  8.740   1.00 0.00 ?  6  DC A "H2'"  1 
ATOM 181 H "H2''" . DC A 1 6  ? -4.041  -1.538  7.916   1.00 0.00 ?  6  DC A "H2''" 1 
ATOM 182 H "H1'"  . DC A 1 6  ? -4.183  0.327   6.591   1.00 0.00 ?  6  DC A "H1'"  1 
ATOM 183 H H41    . DC A 1 6  ? -0.221  -1.701  2.306   1.00 0.00 ?  6  DC A H41    1 
ATOM 184 H H42    . DC A 1 6  ? 0.843   -2.332  3.490   1.00 0.00 ?  6  DC A H42    1 
ATOM 185 H H5     . DC A 1 6  ? 0.424   -2.160  5.835   1.00 0.00 ?  6  DC A H5     1 
ATOM 186 H H6     . DC A 1 6  ? -1.121  -1.329  7.428   1.00 0.00 ?  6  DC A H6     1 
ATOM 187 P P      . DG A 1 7  ? -6.517  -0.583  9.200   1.00 0.00 ?  7  DG A P      1 
ATOM 188 O OP1    . DG A 1 7  ? -7.689  0.121   9.624   1.00 0.00 ?  7  DG A OP1    1 
ATOM 189 O OP2    . DG A 1 7  ? -5.995  -1.615  10.059  1.00 0.00 ?  7  DG A OP2    1 
ATOM 190 O "O5'"  . DG A 1 7  ? -6.820  -1.224  7.820   1.00 0.00 ?  7  DG A "O5'"  1 
ATOM 191 C "C5'"  . DG A 1 7  ? -7.418  -0.484  6.818   1.00 0.00 ?  7  DG A "C5'"  1 
ATOM 192 C "C4'"  . DG A 1 7  ? -7.823  -1.296  5.622   1.00 0.00 ?  7  DG A "C4'"  1 
ATOM 193 O "O4'"  . DG A 1 7  ? -6.717  -1.625  4.850   1.00 0.00 ?  7  DG A "O4'"  1 
ATOM 194 C "C3'"  . DG A 1 7  ? -8.613  -2.546  5.931   1.00 0.00 ?  7  DG A "C3'"  1 
ATOM 195 O "O3'"  . DG A 1 7  ? -9.755  -2.530  5.157   1.00 0.00 ?  7  DG A "O3'"  1 
ATOM 196 C "C2'"  . DG A 1 7  ? -7.662  -3.645  5.555   1.00 0.00 ?  7  DG A "C2'"  1 
ATOM 197 C "C1'"  . DG A 1 7  ? -6.803  -2.961  4.504   1.00 0.00 ?  7  DG A "C1'"  1 
ATOM 198 N N9     . DG A 1 7  ? -5.440  -3.446  4.456   1.00 0.00 ?  7  DG A N9     1 
ATOM 199 C C8     . DG A 1 7  ? -4.608  -3.640  5.486   1.00 0.00 ?  7  DG A C8     1 
ATOM 200 N N7     . DG A 1 7  ? -3.440  -4.042  5.155   1.00 0.00 ?  7  DG A N7     1 
ATOM 201 C C5     . DG A 1 7  ? -3.499  -4.095  3.783   1.00 0.00 ?  7  DG A C5     1 
ATOM 202 C C6     . DG A 1 7  ? -2.536  -4.452  2.811   1.00 0.00 ?  7  DG A C6     1 
ATOM 203 O O6     . DG A 1 7  ? -1.404  -4.831  2.950   1.00 0.00 ?  7  DG A O6     1 
ATOM 204 N N1     . DG A 1 7  ? -2.984  -4.350  1.548   1.00 0.00 ?  7  DG A N1     1 
ATOM 205 C C2     . DG A 1 7  ? -4.209  -3.975  1.232   1.00 0.00 ?  7  DG A C2     1 
ATOM 206 N N2     . DG A 1 7  ? -4.486  -3.904  0.000   1.00 0.00 ?  7  DG A N2     1 
ATOM 207 N N3     . DG A 1 7  ? -5.143  -3.668  2.086   1.00 0.00 ?  7  DG A N3     1 
ATOM 208 C C4     . DG A 1 7  ? -4.723  -3.732  3.352   1.00 0.00 ?  7  DG A C4     1 
ATOM 209 H "H5'"  . DG A 1 7  ? -6.758  0.288   6.498   1.00 0.00 ?  7  DG A "H5'"  1 
ATOM 210 H "H5''" . DG A 1 7  ? -8.287  -0.038  7.204   1.00 0.00 ?  7  DG A "H5''" 1 
ATOM 211 H "H4'"  . DG A 1 7  ? -8.457  -0.684  5.030   1.00 0.00 ?  7  DG A "H4'"  1 
ATOM 212 H "H3'"  . DG A 1 7  ? -8.900  -2.548  6.953   1.00 0.00 ?  7  DG A "H3'"  1 
ATOM 213 H "H2'"  . DG A 1 7  ? -7.111  -3.999  6.388   1.00 0.00 ?  7  DG A "H2'"  1 
ATOM 214 H "H2''" . DG A 1 7  ? -8.179  -4.452  5.079   1.00 0.00 ?  7  DG A "H2''" 1 
ATOM 215 H "H1'"  . DG A 1 7  ? -7.273  -3.064  3.559   1.00 0.00 ?  7  DG A "H1'"  1 
ATOM 216 H H8     . DG A 1 7  ? -4.916  -3.454  6.480   1.00 0.00 ?  7  DG A H8     1 
ATOM 217 H H1     . DG A 1 7  ? -2.342  -4.530  0.824   1.00 0.00 ?  7  DG A H1     1 
ATOM 218 H H21    . DG A 1 7  ? -5.381  -3.627  -0.245  1.00 0.00 ?  7  DG A H21    1 
ATOM 219 H H22    . DG A 1 7  ? -3.797  -4.080  -0.676  1.00 0.00 ?  7  DG A H22    1 
ATOM 220 P P      . DT A 1 8  ? -10.955 -3.517  5.364   1.00 0.00 ?  8  DT A P      1 
ATOM 221 O OP1    . DT A 1 8  ? -12.123 -2.885  4.883   1.00 0.00 ?  8  DT A OP1    1 
ATOM 222 O OP2    . DT A 1 8  ? -10.945 -3.993  6.697   1.00 0.00 ?  8  DT A OP2    1 
ATOM 223 O "O5'"  . DT A 1 8  ? -10.623 -4.692  4.435   1.00 0.00 ?  8  DT A "O5'"  1 
ATOM 224 C "C5'"  . DT A 1 8  ? -10.656 -4.548  3.077   1.00 0.00 ?  8  DT A "C5'"  1 
ATOM 225 C "C4'"  . DT A 1 8  ? -9.968  -5.648  2.369   1.00 0.00 ?  8  DT A "C4'"  1 
ATOM 226 O "O4'"  . DT A 1 8  ? -8.569  -5.462  2.389   1.00 0.00 ?  8  DT A "O4'"  1 
ATOM 227 C "C3'"  . DT A 1 8  ? -10.301 -7.014  2.934   1.00 0.00 ?  8  DT A "C3'"  1 
ATOM 228 O "O3'"  . DT A 1 8  ? -10.744 -7.924  1.994   1.00 0.00 ?  8  DT A "O3'"  1 
ATOM 229 C "C2'"  . DT A 1 8  ? -8.959  -7.432  3.325   1.00 0.00 ?  8  DT A "C2'"  1 
ATOM 230 C "C1'"  . DT A 1 8  ? -8.007  -6.721  2.358   1.00 0.00 ?  8  DT A "C1'"  1 
ATOM 231 N N1     . DT A 1 8  ? -6.589  -6.717  2.762   1.00 0.00 ?  8  DT A N1     1 
ATOM 232 C C2     . DT A 1 8  ? -5.709  -7.043  1.752   1.00 0.00 ?  8  DT A C2     1 
ATOM 233 O O2     . DT A 1 8  ? -5.963  -6.960  0.584   1.00 0.00 ?  8  DT A O2     1 
ATOM 234 N N3     . DT A 1 8  ? -4.516  -7.525  2.103   1.00 0.00 ?  8  DT A N3     1 
ATOM 235 C C4     . DT A 1 8  ? -4.140  -7.794  3.361   1.00 0.00 ?  8  DT A C4     1 
ATOM 236 O O4     . DT A 1 8  ? -3.075  -8.319  3.525   1.00 0.00 ?  8  DT A O4     1 
ATOM 237 C C5     . DT A 1 8  ? -5.044  -7.367  4.396   1.00 0.00 ?  8  DT A C5     1 
ATOM 238 C C7     . DT A 1 8  ? -4.643  -7.717  5.797   1.00 0.00 ?  8  DT A C7     1 
ATOM 239 C C6     . DT A 1 8  ? -6.193  -6.740  4.071   1.00 0.00 ?  8  DT A C6     1 
ATOM 240 H "H5'"  . DT A 1 8  ? -10.189 -3.638  2.792   1.00 0.00 ?  8  DT A "H5'"  1 
ATOM 241 H "H5''" . DT A 1 8  ? -11.660 -4.537  2.776   1.00 0.00 ?  8  DT A "H5''" 1 
ATOM 242 H "H4'"  . DT A 1 8  ? -10.278 -5.626  1.367   1.00 0.00 ?  8  DT A "H4'"  1 
ATOM 243 H "H3'"  . DT A 1 8  ? -10.861 -7.038  3.838   1.00 0.00 ?  8  DT A "H3'"  1 
ATOM 244 H "H2'"  . DT A 1 8  ? -8.845  -7.021  4.292   1.00 0.00 ?  8  DT A "H2'"  1 
ATOM 245 H "H2''" . DT A 1 8  ? -8.968  -8.492  3.438   1.00 0.00 ?  8  DT A "H2''" 1 
ATOM 246 H "H1'"  . DT A 1 8  ? -8.069  -7.074  1.360   1.00 0.00 ?  8  DT A "H1'"  1 
ATOM 247 H H3     . DT A 1 8  ? -3.897  -7.754  1.372   1.00 0.00 ?  8  DT A H3     1 
ATOM 248 H H71    . DT A 1 8  ? -4.395  -7.752  6.083   1.00 0.00 ?  8  DT A H71    1 
ATOM 249 H H72    . DT A 1 8  ? -4.615  -7.821  6.294   1.00 0.00 ?  8  DT A H72    1 
ATOM 250 H H73    . DT A 1 8  ? -4.526  -7.983  6.048   1.00 0.00 ?  8  DT A H73    1 
ATOM 251 H H6     . DT A 1 8  ? -6.800  -6.274  4.797   1.00 0.00 ?  8  DT A H6     1 
ATOM 252 P P      . DC A 1 9  ? -12.168 -8.136  1.546   1.00 0.00 ?  9  DC A P      1 
ATOM 253 O OP1    . DC A 1 9  ? -12.822 -6.914  1.498   1.00 0.00 ?  9  DC A OP1    1 
ATOM 254 O OP2    . DC A 1 9  ? -12.745 -9.179  2.293   1.00 0.00 ?  9  DC A OP2    1 
ATOM 255 O "O5'"  . DC A 1 9  ? -11.931 -8.600  0.124   1.00 0.00 ?  9  DC A "O5'"  1 
ATOM 256 C "C5'"  . DC A 1 9  ? -11.492 -9.862  -0.169  1.00 0.00 ?  9  DC A "C5'"  1 
ATOM 257 C "C4'"  . DC A 1 9  ? -10.545 -9.841  -1.328  1.00 0.00 ?  9  DC A "C4'"  1 
ATOM 258 O "O4'"  . DC A 1 9  ? -9.315  -9.250  -0.993  1.00 0.00 ?  9  DC A "O4'"  1 
ATOM 259 C "C3'"  . DC A 1 9  ? -10.223 -11.214 -1.791  1.00 0.00 ?  9  DC A "C3'"  1 
ATOM 260 O "O3'"  . DC A 1 9  ? -10.095 -11.175 -3.158  1.00 0.00 ?  9  DC A "O3'"  1 
ATOM 261 C "C2'"  . DC A 1 9  ? -8.948  -11.493 -1.102  1.00 0.00 ?  9  DC A "C2'"  1 
ATOM 262 C "C1'"  . DC A 1 9  ? -8.279  -10.158 -1.118  1.00 0.00 ?  9  DC A "C1'"  1 
ATOM 263 N N1     . DC A 1 9  ? -7.354  -10.080 -0.010  1.00 0.00 ?  9  DC A N1     1 
ATOM 264 C C2     . DC A 1 9  ? -6.000  -10.194 -0.250  1.00 0.00 ?  9  DC A C2     1 
ATOM 265 O O2     . DC A 1 9  ? -5.508  -9.950  -1.322  1.00 0.00 ?  9  DC A O2     1 
ATOM 266 N N3     . DC A 1 9  ? -5.187  -10.628 0.695   1.00 0.00 ?  9  DC A N3     1 
ATOM 267 C C4     . DC A 1 9  ? -5.712  -11.045 1.796   1.00 0.00 ?  9  DC A C4     1 
ATOM 268 N N4     . DC A 1 9  ? -4.901  -11.462 2.670   1.00 0.00 ?  9  DC A N4     1 
ATOM 269 C C5     . DC A 1 9  ? -7.082  -11.019 2.058   1.00 0.00 ?  9  DC A C5     1 
ATOM 270 C C6     . DC A 1 9  ? -7.859  -10.408 1.188   1.00 0.00 ?  9  DC A C6     1 
ATOM 271 H "H5'"  . DC A 1 9  ? -12.333 -10.462 -0.389  1.00 0.00 ?  9  DC A "H5'"  1 
ATOM 272 H "H5''" . DC A 1 9  ? -11.000 -10.286 0.647   1.00 0.00 ?  9  DC A "H5''" 1 
ATOM 273 H "H4'"  . DC A 1 9  ? -11.003 -9.304  -2.109  1.00 0.00 ?  9  DC A "H4'"  1 
ATOM 274 H "H3'"  . DC A 1 9  ? -10.937 -11.947 -1.490  1.00 0.00 ?  9  DC A "H3'"  1 
ATOM 275 H "H2'"  . DC A 1 9  ? -9.099  -11.853 -0.116  1.00 0.00 ?  9  DC A "H2'"  1 
ATOM 276 H "H2''" . DC A 1 9  ? -8.384  -12.188 -1.664  1.00 0.00 ?  9  DC A "H2''" 1 
ATOM 277 H "H1'"  . DC A 1 9  ? -7.778  -10.066 -2.047  1.00 0.00 ?  9  DC A "H1'"  1 
ATOM 278 H H41    . DC A 1 9  ? -3.935  -11.384 2.484   1.00 0.00 ?  9  DC A H41    1 
ATOM 279 H H42    . DC A 1 9  ? -5.253  -11.758 3.532   1.00 0.00 ?  9  DC A H42    1 
ATOM 280 H H5     . DC A 1 9  ? -7.531  -11.522 2.871   1.00 0.00 ?  9  DC A H5     1 
ATOM 281 H H6     . DC A 1 9  ? -8.912  -10.360 1.323   1.00 0.00 ?  9  DC A H6     1 
ATOM 282 P P      . DG A 1 10 ? -10.076 -12.439 -4.032  1.00 0.00 ?  10 DG A P      1 
ATOM 283 O OP1    . DG A 1 10 ? -10.333 -12.027 -5.363  1.00 0.00 ?  10 DG A OP1    1 
ATOM 284 O OP2    . DG A 1 10 ? -10.935 -13.423 -3.433  1.00 0.00 -1 10 DG A OP2    1 
ATOM 285 O "O5'"  . DG A 1 10 ? -8.616  -12.947 -3.969  1.00 0.00 ?  10 DG A "O5'"  1 
ATOM 286 C "C5'"  . DG A 1 10 ? -7.552  -12.237 -4.523  1.00 0.00 ?  10 DG A "C5'"  1 
ATOM 287 C "C4'"  . DG A 1 10 ? -6.229  -12.871 -4.262  1.00 0.00 ?  10 DG A "C4'"  1 
ATOM 288 O "O4'"  . DG A 1 10 ? -5.864  -12.701 -2.946  1.00 0.00 ?  10 DG A "O4'"  1 
ATOM 289 C "C3'"  . DG A 1 10 ? -6.233  -14.336 -4.523  1.00 0.00 ?  10 DG A "C3'"  1 
ATOM 290 O "O3'"  . DG A 1 10 ? -5.061  -14.724 -5.142  1.00 0.00 ?  10 DG A "O3'"  1 
ATOM 291 C "C2'"  . DG A 1 10 ? -6.287  -14.889 -3.156  1.00 0.00 ?  10 DG A "C2'"  1 
ATOM 292 C "C1'"  . DG A 1 10 ? -5.428  -13.904 -2.463  1.00 0.00 ?  10 DG A "C1'"  1 
ATOM 293 N N9     . DG A 1 10 ? -5.534  -14.008 -1.045  1.00 0.00 ?  10 DG A N9     1 
ATOM 294 C C8     . DG A 1 10 ? -6.660  -14.102 -0.333  1.00 0.00 ?  10 DG A C8     1 
ATOM 295 N N7     . DG A 1 10 ? -6.492  -14.295 0.911   1.00 0.00 ?  10 DG A N7     1 
ATOM 296 C C5     . DG A 1 10 ? -5.114  -14.362 1.023   1.00 0.00 ?  10 DG A C5     1 
ATOM 297 C C6     . DG A 1 10 ? -4.268  -14.613 2.116   1.00 0.00 ?  10 DG A C6     1 
ATOM 298 O O6     . DG A 1 10 ? -4.549  -14.800 3.270   1.00 0.00 ?  10 DG A O6     1 
ATOM 299 N N1     . DG A 1 10 ? -2.952  -14.662 1.787   1.00 0.00 ?  10 DG A N1     1 
ATOM 300 C C2     . DG A 1 10 ? -2.483  -14.500 0.565   1.00 0.00 ?  10 DG A C2     1 
ATOM 301 N N2     . DG A 1 10 ? -1.225  -14.625 0.391   1.00 0.00 ?  10 DG A N2     1 
ATOM 302 N N3     . DG A 1 10 ? -3.216  -14.280 -0.477  1.00 0.00 ?  10 DG A N3     1 
ATOM 303 C C4     . DG A 1 10 ? -4.528  -14.205 -0.183  1.00 0.00 ?  10 DG A C4     1 
ATOM 304 H "H5'"  . DG A 1 10 ? -7.532  -11.268 -4.140  1.00 0.00 ?  10 DG A "H5'"  1 
ATOM 305 H "H5''" . DG A 1 10 ? -7.681  -12.174 -5.555  1.00 0.00 ?  10 DG A "H5''" 1 
ATOM 306 H "H4'"  . DG A 1 10 ? -5.502  -12.404 -4.880  1.00 0.00 ?  10 DG A "H4'"  1 
ATOM 307 H "H3'"  . DG A 1 10 ? -7.066  -14.659 -5.086  1.00 0.00 ?  10 DG A "H3'"  1 
ATOM 308 H "HO3'" . DG A 1 10 ? -5.126  -15.081 -5.683  1.00 0.00 ?  10 DG A "HO3'" 1 
ATOM 309 H "H2'"  . DG A 1 10 ? -7.260  -14.877 -2.725  1.00 0.00 ?  10 DG A "H2'"  1 
ATOM 310 H "H2''" . DG A 1 10 ? -5.901  -15.862 -3.147  1.00 0.00 ?  10 DG A "H2''" 1 
ATOM 311 H "H1'"  . DG A 1 10 ? -4.413  -14.053 -2.729  1.00 0.00 ?  10 DG A "H1'"  1 
ATOM 312 H H8     . DG A 1 10 ? -7.587  -14.033 -0.831  1.00 0.00 ?  10 DG A H8     1 
ATOM 313 H H1     . DG A 1 10 ? -2.318  -14.829 2.508   1.00 0.00 ?  10 DG A H1     1 
ATOM 314 H H21    . DG A 1 10 ? -0.879  -14.524 -0.514  1.00 0.00 ?  10 DG A H21    1 
ATOM 315 H H22    . DG A 1 10 ? -0.648  -14.891 1.129   1.00 0.00 ?  10 DG A H22    1 
ATOM 316 O "O5'"  . DC B 1 1  ? 5.716   -13.694 5.753   1.00 0.00 ?  11 DC B "O5'"  1 
ATOM 317 C "C5'"  . DC B 1 1  ? 5.773   -14.589 4.745   1.00 0.00 ?  11 DC B "C5'"  1 
ATOM 318 C "C4'"  . DC B 1 1  ? 4.541   -14.606 3.904   1.00 0.00 ?  11 DC B "C4'"  1 
ATOM 319 O "O4'"  . DC B 1 1  ? 3.414   -15.028 4.617   1.00 0.00 ?  11 DC B "O4'"  1 
ATOM 320 C "C3'"  . DC B 1 1  ? 4.200   -13.313 3.224   1.00 0.00 ?  11 DC B "C3'"  1 
ATOM 321 O "O3'"  . DC B 1 1  ? 4.486   -13.359 1.879   1.00 0.00 ?  11 DC B "O3'"  1 
ATOM 322 C "C2'"  . DC B 1 1  ? 2.696   -13.338 3.316   1.00 0.00 ?  11 DC B "C2'"  1 
ATOM 323 C "C1'"  . DC B 1 1  ? 2.369   -14.711 3.789   1.00 0.00 ?  11 DC B "C1'"  1 
ATOM 324 N N1     . DC B 1 1  ? 1.038   -14.774 4.388   1.00 0.00 ?  11 DC B N1     1 
ATOM 325 C C2     . DC B 1 1  ? 0.002   -15.211 3.619   1.00 0.00 ?  11 DC B C2     1 
ATOM 326 O O2     . DC B 1 1  ? 0.180   -15.667 2.530   1.00 0.00 ?  11 DC B O2     1 
ATOM 327 N N3     . DC B 1 1  ? -1.252  -15.110 4.021   1.00 0.00 ?  11 DC B N3     1 
ATOM 328 C C4     . DC B 1 1  ? -1.485  -14.583 5.156   1.00 0.00 ?  11 DC B C4     1 
ATOM 329 N N4     . DC B 1 1  ? -2.719  -14.461 5.434   1.00 0.00 ?  11 DC B N4     1 
ATOM 330 C C5     . DC B 1 1  ? -0.489  -14.121 5.998   1.00 0.00 ?  11 DC B C5     1 
ATOM 331 C C6     . DC B 1 1  ? 0.780   -14.221 5.576   1.00 0.00 ?  11 DC B C6     1 
ATOM 332 H "H5'"  . DC B 1 1  ? 5.913   -15.540 5.147   1.00 0.00 ?  11 DC B "H5'"  1 
ATOM 333 H "H5''" . DC B 1 1  ? 6.598   -14.360 4.141   1.00 0.00 ?  11 DC B "H5''" 1 
ATOM 334 H "H4'"  . DC B 1 1  ? 4.675   -15.285 3.112   1.00 0.00 ?  11 DC B "H4'"  1 
ATOM 335 H "H3'"  . DC B 1 1  ? 4.662   -12.482 3.688   1.00 0.00 ?  11 DC B "H3'"  1 
ATOM 336 H "H2'"  . DC B 1 1  ? 2.300   -12.617 3.978   1.00 0.00 ?  11 DC B "H2'"  1 
ATOM 337 H "H2''" . DC B 1 1  ? 2.267   -13.243 2.356   1.00 0.00 ?  11 DC B "H2''" 1 
ATOM 338 H "H1'"  . DC B 1 1  ? 2.415   -15.336 2.942   1.00 0.00 ?  11 DC B "H1'"  1 
ATOM 339 H H41    . DC B 1 1  ? -3.369  -14.694 4.745   1.00 0.00 ?  11 DC B H41    1 
ATOM 340 H H42    . DC B 1 1  ? -2.981  -14.028 6.253   1.00 0.00 ?  11 DC B H42    1 
ATOM 341 H H5     . DC B 1 1  ? -0.744  -13.682 6.913   1.00 0.00 ?  11 DC B H5     1 
ATOM 342 H H6     . DC B 1 1  ? 1.607   -13.862 6.118   1.00 0.00 ?  11 DC B H6     1 
ATOM 343 H "HO5'" . DC B 1 1  ? 5.493   -13.674 6.109   1.00 0.00 ?  11 DC B "HO5'" 1 
ATOM 344 P P      . DG B 1 2  ? 5.873   -13.207 1.251   1.00 0.00 ?  12 DG B P      1 
ATOM 345 O OP1    . DG B 1 2  ? 6.417   -14.489 1.056   1.00 0.00 ?  12 DG B OP1    1 
ATOM 346 O OP2    . DG B 1 2  ? 6.610   -12.219 1.954   1.00 0.00 ?  12 DG B OP2    1 
ATOM 347 O "O5'"  . DG B 1 2  ? 5.478   -12.604 -0.111  1.00 0.00 ?  12 DG B "O5'"  1 
ATOM 348 C "C5'"  . DG B 1 2  ? 4.849   -13.268 -1.093  1.00 0.00 ?  12 DG B "C5'"  1 
ATOM 349 C "C4'"  . DG B 1 2  ? 4.167   -12.422 -2.121  1.00 0.00 ?  12 DG B "C4'"  1 
ATOM 350 O "O4'"  . DG B 1 2  ? 2.783   -12.567 -2.005  1.00 0.00 ?  12 DG B "O4'"  1 
ATOM 351 C "C3'"  . DG B 1 2  ? 4.503   -10.943 -2.069  1.00 0.00 ?  12 DG B "C3'"  1 
ATOM 352 O "O3'"  . DG B 1 2  ? 5.164   -10.586 -3.265  1.00 0.00 ?  12 DG B "O3'"  1 
ATOM 353 C "C2'"  . DG B 1 2  ? 3.206   -10.260 -1.845  1.00 0.00 ?  12 DG B "C2'"  1 
ATOM 354 C "C1'"  . DG B 1 2  ? 2.149   -11.350 -1.843  1.00 0.00 ?  12 DG B "C1'"  1 
ATOM 355 N N9     . DG B 1 2  ? 1.417   -11.389 -0.583  1.00 0.00 ?  12 DG B N9     1 
ATOM 356 C C8     . DG B 1 2  ? 1.869   -11.477 0.690   1.00 0.00 ?  12 DG B C8     1 
ATOM 357 N N7     . DG B 1 2  ? 0.929   -11.367 1.565   1.00 0.00 ?  12 DG B N7     1 
ATOM 358 C C5     . DG B 1 2  ? -0.225  -11.264 0.835   1.00 0.00 ?  12 DG B C5     1 
ATOM 359 C C6     . DG B 1 2  ? -1.589  -11.204 1.218   1.00 0.00 ?  12 DG B C6     1 
ATOM 360 O O6     . DG B 1 2  ? -2.087  -11.254 2.315   1.00 0.00 ?  12 DG B O6     1 
ATOM 361 N N1     . DG B 1 2  ? -2.434  -11.095 0.176   1.00 0.00 ?  12 DG B N1     1 
ATOM 362 C C2     . DG B 1 2  ? -2.048  -11.114 -1.090  1.00 0.00 ?  12 DG B C2     1 
ATOM 363 N N2     . DG B 1 2  ? -2.969  -11.015 -1.963  1.00 0.00 ?  12 DG B N2     1 
ATOM 364 N N3     . DG B 1 2  ? -0.805  -11.211 -1.496  1.00 0.00 ?  12 DG B N3     1 
ATOM 365 C C4     . DG B 1 2  ? 0.069   -11.277 -0.482  1.00 0.00 ?  12 DG B C4     1 
ATOM 366 H "H5'"  . DG B 1 2  ? 4.167   -13.890 -0.674  1.00 0.00 ?  12 DG B "H5'"  1 
ATOM 367 H "H5''" . DG B 1 2  ? 5.527   -13.827 -1.553  1.00 0.00 ?  12 DG B "H5''" 1 
ATOM 368 H "H4'"  . DG B 1 2  ? 4.444   -12.808 -3.066  1.00 0.00 ?  12 DG B "H4'"  1 
ATOM 369 H "H3'"  . DG B 1 2  ? 5.068   -10.714 -1.202  1.00 0.00 ?  12 DG B "H3'"  1 
ATOM 370 H "H2'"  . DG B 1 2  ? 3.260   -9.735  -0.924  1.00 0.00 ?  12 DG B "H2'"  1 
ATOM 371 H "H2''" . DG B 1 2  ? 3.044   -9.612  -2.678  1.00 0.00 ?  12 DG B "H2''" 1 
ATOM 372 H "H1'"  . DG B 1 2  ? 1.458   -11.201 -2.635  1.00 0.00 ?  12 DG B "H1'"  1 
ATOM 373 H H8     . DG B 1 2  ? 2.871   -11.663 0.969   1.00 0.00 ?  12 DG B H8     1 
ATOM 374 H H1     . DG B 1 2  ? -3.388  -10.960 0.375   1.00 0.00 ?  12 DG B H1     1 
ATOM 375 H H21    . DG B 1 2  ? -2.694  -10.980 -2.896  1.00 0.00 ?  12 DG B H21    1 
ATOM 376 H H22    . DG B 1 2  ? -3.898  -10.837 -1.689  1.00 0.00 ?  12 DG B H22    1 
ATOM 377 P P      . DA B 1 3  ? 5.442   -9.112  -3.786  1.00 0.00 ?  13 DA B P      1 
ATOM 378 O OP1    . DA B 1 3  ? 6.416   -9.201  -4.847  1.00 0.00 ?  13 DA B OP1    1 
ATOM 379 O OP2    . DA B 1 3  ? 5.742   -8.278  -2.658  1.00 0.00 ?  13 DA B OP2    1 
ATOM 380 O "O5'"  . DA B 1 3  ? 4.098   -8.609  -4.426  1.00 0.00 ?  13 DA B "O5'"  1 
ATOM 381 C "C5'"  . DA B 1 3  ? 3.380   -9.401  -5.317  1.00 0.00 ?  13 DA B "C5'"  1 
ATOM 382 C "C4'"  . DA B 1 3  ? 1.954   -8.969  -5.544  1.00 0.00 ?  13 DA B "C4'"  1 
ATOM 383 O "O4'"  . DA B 1 3  ? 1.113   -9.145  -4.422  1.00 0.00 ?  13 DA B "O4'"  1 
ATOM 384 C "C3'"  . DA B 1 3  ? 1.834   -7.538  -5.985  1.00 0.00 ?  13 DA B "C3'"  1 
ATOM 385 O "O3'"  . DA B 1 3  ? 1.016   -7.478  -7.106  1.00 0.00 ?  13 DA B "O3'"  1 
ATOM 386 C "C2'"  . DA B 1 3  ? 1.258   -6.886  -4.805  1.00 0.00 ?  13 DA B "C2'"  1 
ATOM 387 C "C1'"  . DA B 1 3  ? 0.435   -7.952  -4.153  1.00 0.00 ?  13 DA B "C1'"  1 
ATOM 388 N N9     . DA B 1 3  ? 0.321   -7.762  -2.719  1.00 0.00 ?  13 DA B N9     1 
ATOM 389 C C8     . DA B 1 3  ? 1.352   -7.534  -1.897  1.00 0.00 ?  13 DA B C8     1 
ATOM 390 N N7     . DA B 1 3  ? 1.070   -7.592  -0.651  1.00 0.00 ?  13 DA B N7     1 
ATOM 391 C C5     . DA B 1 3  ? -0.306  -7.730  -0.662  1.00 0.00 ?  13 DA B C5     1 
ATOM 392 C C6     . DA B 1 3  ? -1.295  -7.783  0.320   1.00 0.00 ?  13 DA B C6     1 
ATOM 393 N N6     . DA B 1 3  ? -1.062  -7.801  1.586   1.00 0.00 ?  13 DA B N6     1 
ATOM 394 N N1     . DA B 1 3  ? -2.571  -7.830  0.020   1.00 0.00 ?  13 DA B N1     1 
ATOM 395 C C2     . DA B 1 3  ? -2.877  -7.835  -1.244  1.00 0.00 ?  13 DA B C2     1 
ATOM 396 N N3     . DA B 1 3  ? -2.072  -7.830  -2.281  1.00 0.00 ?  13 DA B N3     1 
ATOM 397 C C4     . DA B 1 3  ? -0.783  -7.782  -1.918  1.00 0.00 ?  13 DA B C4     1 
ATOM 398 H "H5'"  . DA B 1 3  ? 3.342   -10.406 -4.968  1.00 0.00 ?  13 DA B "H5'"  1 
ATOM 399 H "H5''" . DA B 1 3  ? 3.888   -9.390  -6.245  1.00 0.00 ?  13 DA B "H5''" 1 
ATOM 400 H "H4'"  . DA B 1 3  ? 1.580   -9.581  -6.328  1.00 0.00 ?  13 DA B "H4'"  1 
ATOM 401 H "H3'"  . DA B 1 3  ? 2.776   -7.037  -6.127  1.00 0.00 ?  13 DA B "H3'"  1 
ATOM 402 H "H2'"  . DA B 1 3  ? 2.039   -6.567  -4.153  1.00 0.00 ?  13 DA B "H2'"  1 
ATOM 403 H "H2''" . DA B 1 3  ? 0.692   -6.041  -5.120  1.00 0.00 ?  13 DA B "H2''" 1 
ATOM 404 H "H1'"  . DA B 1 3  ? -0.518  -7.902  -4.626  1.00 0.00 ?  13 DA B "H1'"  1 
ATOM 405 H H8     . DA B 1 3  ? 2.315   -7.337  -2.309  1.00 0.00 ?  13 DA B H8     1 
ATOM 406 H H61    . DA B 1 3  ? -1.823  -7.897  2.206   1.00 0.00 ?  13 DA B H61    1 
ATOM 407 H H62    . DA B 1 3  ? -0.136  -7.742  1.893   1.00 0.00 ?  13 DA B H62    1 
ATOM 408 H H2     . DA B 1 3  ? -3.911  -7.863  -1.459  1.00 0.00 ?  13 DA B H2     1 
ATOM 409 P P      . DC B 1 4  ? 1.076   -6.287  -8.124  1.00 0.00 ?  14 DC B P      1 
ATOM 410 O OP1    . DC B 1 4  ? 0.298   -6.677  -9.270  1.00 0.00 ?  14 DC B OP1    1 
ATOM 411 O OP2    . DC B 1 4  ? 2.458   -5.888  -8.319  1.00 0.00 ?  14 DC B OP2    1 
ATOM 412 O "O5'"  . DC B 1 4  ? 0.347   -5.133  -7.394  1.00 0.00 ?  14 DC B "O5'"  1 
ATOM 413 C "C5'"  . DC B 1 4  ? -1.032  -5.141  -7.227  1.00 0.00 ?  14 DC B "C5'"  1 
ATOM 414 C "C4'"  . DC B 1 4  ? -1.489  -4.153  -6.204  1.00 0.00 ?  14 DC B "C4'"  1 
ATOM 415 O "O4'"  . DC B 1 4  ? -1.351  -4.680  -4.917  1.00 0.00 ?  14 DC B "O4'"  1 
ATOM 416 C "C3'"  . DC B 1 4  ? -0.742  -2.816  -6.252  1.00 0.00 ?  14 DC B "C3'"  1 
ATOM 417 O "O3'"  . DC B 1 4  ? -1.605  -1.735  -6.249  1.00 0.00 ?  14 DC B "O3'"  1 
ATOM 418 C "C2'"  . DC B 1 4  ? -0.016  -2.810  -4.945  1.00 0.00 ?  14 DC B "C2'"  1 
ATOM 419 C "C1'"  . DC B 1 4  ? -0.984  -3.620  -4.098  1.00 0.00 ?  14 DC B "C1'"  1 
ATOM 420 N N1     . DC B 1 4  ? -0.485  -4.078  -2.803  1.00 0.00 ?  14 DC B N1     1 
ATOM 421 C C2     . DC B 1 4  ? -1.396  -4.249  -1.778  1.00 0.00 ?  14 DC B C2     1 
ATOM 422 O O2     . DC B 1 4  ? -2.589  -4.224  -1.967  1.00 0.00 ?  14 DC B O2     1 
ATOM 423 N N3     . DC B 1 4  ? -0.995  -4.433  -0.527  1.00 0.00 ?  14 DC B N3     1 
ATOM 424 C C4     . DC B 1 4  ? 0.270   -4.439  -0.292  1.00 0.00 ?  14 DC B C4     1 
ATOM 425 N N4     . DC B 1 4  ? 0.602   -4.590  0.926   1.00 0.00 ?  14 DC B N4     1 
ATOM 426 C C5     . DC B 1 4  ? 1.245   -4.332  -1.295  1.00 0.00 ?  14 DC B C5     1 
ATOM 427 C C6     . DC B 1 4  ? 0.835   -4.165  -2.543  1.00 0.00 ?  14 DC B C6     1 
ATOM 428 H "H5'"  . DC B 1 4  ? -1.371  -6.109  -6.935  1.00 0.00 ?  14 DC B "H5'"  1 
ATOM 429 H "H5''" . DC B 1 4  ? -1.481  -4.902  -8.148  1.00 0.00 ?  14 DC B "H5''" 1 
ATOM 430 H "H4'"  . DC B 1 4  ? -2.527  -3.985  -6.367  1.00 0.00 ?  14 DC B "H4'"  1 
ATOM 431 H "H3'"  . DC B 1 4  ? -0.056  -2.743  -7.068  1.00 0.00 ?  14 DC B "H3'"  1 
ATOM 432 H "H2'"  . DC B 1 4  ? 0.939   -3.268  -5.050  1.00 0.00 ?  14 DC B "H2'"  1 
ATOM 433 H "H2''" . DC B 1 4  ? 0.080   -1.820  -4.553  1.00 0.00 ?  14 DC B "H2''" 1 
ATOM 434 H "H1'"  . DC B 1 4  ? -1.840  -3.017  -3.912  1.00 0.00 ?  14 DC B "H1'"  1 
ATOM 435 H H41    . DC B 1 4  ? -0.124  -4.656  1.590   1.00 0.00 ?  14 DC B H41    1 
ATOM 436 H H42    . DC B 1 4  ? 1.544   -4.610  1.160   1.00 0.00 ?  14 DC B H42    1 
ATOM 437 H H5     . DC B 1 4  ? 2.282   -4.387  -1.107  1.00 0.00 ?  14 DC B H5     1 
ATOM 438 H H6     . DC B 1 4  ? 1.545   -4.098  -3.331  1.00 0.00 ?  14 DC B H6     1 
ATOM 439 P P      . DG B 1 5  ? -2.398  -1.262  -7.504  1.00 0.00 ?  15 DG B P      1 
ATOM 440 O OP1    . DG B 1 5  ? -2.713  -2.386  -8.355  1.00 0.00 ?  15 DG B OP1    1 
ATOM 441 O OP2    . DG B 1 5  ? -1.710  -0.107  -8.065  1.00 0.00 ?  15 DG B OP2    1 
ATOM 442 O "O5'"  . DG B 1 5  ? -3.709  -0.756  -6.844  1.00 0.00 ?  15 DG B "O5'"  1 
ATOM 443 C "C5'"  . DG B 1 5  ? -4.675  -1.619  -6.318  1.00 0.00 ?  15 DG B "C5'"  1 
ATOM 444 C "C4'"  . DG B 1 5  ? -5.596  -0.973  -5.312  1.00 0.00 ?  15 DG B "C4'"  1 
ATOM 445 O "O4'"  . DG B 1 5  ? -5.159  -1.219  -4.009  1.00 0.00 ?  15 DG B "O4'"  1 
ATOM 446 C "C3'"  . DG B 1 5  ? -5.733  0.526   -5.441  1.00 0.00 ?  15 DG B "C3'"  1 
ATOM 447 O "O3'"  . DG B 1 5  ? -7.049  0.816   -5.083  1.00 0.00 ?  15 DG B "O3'"  1 
ATOM 448 C "C2'"  . DG B 1 5  ? -4.664  0.999   -4.522  1.00 0.00 ?  15 DG B "C2'"  1 
ATOM 449 C "C1'"  . DG B 1 5  ? -4.725  -0.028  -3.433  1.00 0.00 ?  15 DG B "C1'"  1 
ATOM 450 N N9     . DG B 1 5  ? -3.471  -0.278  -2.754  1.00 0.00 ?  15 DG B N9     1 
ATOM 451 C C8     . DG B 1 5  ? -2.251  -0.470  -3.291  1.00 0.00 ?  15 DG B C8     1 
ATOM 452 N N7     . DG B 1 5  ? -1.352  -0.777  -2.435  1.00 0.00 ?  15 DG B N7     1 
ATOM 453 C C5     . DG B 1 5  ? -2.027  -0.760  -1.227  1.00 0.00 ?  15 DG B C5     1 
ATOM 454 C C6     . DG B 1 5  ? -1.602  -0.993  0.100   1.00 0.00 ?  15 DG B C6     1 
ATOM 455 O O6     . DG B 1 5  ? -0.522  -1.321  0.508   1.00 0.00 ?  15 DG B O6     1 
ATOM 456 N N1     . DG B 1 5  ? -2.571  -0.802  1.027   1.00 0.00 ?  15 DG B N1     1 
ATOM 457 C C2     . DG B 1 5  ? -3.815  -0.474  0.734   1.00 0.00 ?  15 DG B C2     1 
ATOM 458 N N2     . DG B 1 5  ? -4.605  -0.269  1.715   1.00 0.00 ?  15 DG B N2     1 
ATOM 459 N N3     . DG B 1 5  ? -4.274  -0.300  -0.475  1.00 0.00 ?  15 DG B N3     1 
ATOM 460 C C4     . DG B 1 5  ? -3.322  -0.440  -1.419  1.00 0.00 ?  15 DG B C4     1 
ATOM 461 H "H5'"  . DG B 1 5  ? -4.219  -2.441  -5.850  1.00 0.00 ?  15 DG B "H5'"  1 
ATOM 462 H "H5''" . DG B 1 5  ? -5.249  -1.985  -7.112  1.00 0.00 ?  15 DG B "H5''" 1 
ATOM 463 H "H4'"  . DG B 1 5  ? -6.564  -1.420  -5.414  1.00 0.00 ?  15 DG B "H4'"  1 
ATOM 464 H "H3'"  . DG B 1 5  ? -5.480  0.865   -6.429  1.00 0.00 ?  15 DG B "H3'"  1 
ATOM 465 H "H2'"  . DG B 1 5  ? -3.742  0.928   -5.061  1.00 0.00 ?  15 DG B "H2'"  1 
ATOM 466 H "H2''" . DG B 1 5  ? -4.756  2.005   -4.171  1.00 0.00 ?  15 DG B "H2''" 1 
ATOM 467 H "H1'"  . DG B 1 5  ? -5.447  0.357   -2.748  1.00 0.00 ?  15 DG B "H1'"  1 
ATOM 468 H H8     . DG B 1 5  ? -2.075  -0.400  -4.336  1.00 0.00 ?  15 DG B H8     1 
ATOM 469 H H1     . DG B 1 5  ? -2.320  -0.856  1.976   1.00 0.00 ?  15 DG B H1     1 
ATOM 470 H H21    . DG B 1 5  ? -5.503  0.031   1.505   1.00 0.00 ?  15 DG B H21    1 
ATOM 471 H H22    . DG B 1 5  ? -4.273  -0.281  2.633   1.00 0.00 ?  15 DG B H22    1 
ATOM 472 P P      . DC B 1 6  ? -7.638  2.260   -5.029  1.00 0.00 ?  16 DC B P      1 
ATOM 473 O OP1    . DC B 1 6  ? -9.053  2.151   -5.284  1.00 0.00 ?  16 DC B OP1    1 
ATOM 474 O OP2    . DC B 1 6  ? -6.834  3.155   -5.857  1.00 0.00 ?  16 DC B OP2    1 
ATOM 475 O "O5'"  . DC B 1 6  ? -7.437  2.649   -3.540  1.00 0.00 ?  16 DC B "O5'"  1 
ATOM 476 C "C5'"  . DC B 1 6  ? -8.124  2.036   -2.475  1.00 0.00 ?  16 DC B "C5'"  1 
ATOM 477 C "C4'"  . DC B 1 6  ? -7.796  2.634   -1.124  1.00 0.00 ?  16 DC B "C4'"  1 
ATOM 478 O "O4'"  . DC B 1 6  ? -6.498  2.280   -0.732  1.00 0.00 ?  16 DC B "O4'"  1 
ATOM 479 C "C3'"  . DC B 1 6  ? -7.868  4.152   -1.126  1.00 0.00 ?  16 DC B "C3'"  1 
ATOM 480 O "O3'"  . DC B 1 6  ? -8.339  4.582   0.118   1.00 0.00 ?  16 DC B "O3'"  1 
ATOM 481 C "C2'"  . DC B 1 6  ? -6.424  4.470   -1.380  1.00 0.00 ?  16 DC B "C2'"  1 
ATOM 482 C "C1'"  . DC B 1 6  ? -5.801  3.445   -0.421  1.00 0.00 ?  16 DC B "C1'"  1 
ATOM 483 N N1     . DC B 1 6  ? -4.366  3.269   -0.613  1.00 0.00 ?  16 DC B N1     1 
ATOM 484 C C2     . DC B 1 6  ? -3.575  2.965   0.470   1.00 0.00 ?  16 DC B C2     1 
ATOM 485 O O2     . DC B 1 6  ? -3.991  3.030   1.608   1.00 0.00 ?  16 DC B O2     1 
ATOM 486 N N3     . DC B 1 6  ? -2.302  2.618   0.298   1.00 0.00 ?  16 DC B N3     1 
ATOM 487 C C4     . DC B 1 6  ? -1.820  2.611   -0.910  1.00 0.00 ?  16 DC B C4     1 
ATOM 488 N N4     . DC B 1 6  ? -0.605  2.249   -1.022  1.00 0.00 ?  16 DC B N4     1 
ATOM 489 C C5     . DC B 1 6  ? -2.540  3.024   -2.034  1.00 0.00 ?  16 DC B C5     1 
ATOM 490 C C6     . DC B 1 6  ? -3.800  3.383   -1.839  1.00 0.00 ?  16 DC B C6     1 
ATOM 491 H "H5'"  . DC B 1 6  ? -7.904  0.997   -2.444  1.00 0.00 ?  16 DC B "H5'"  1 
ATOM 492 H "H5''" . DC B 1 6  ? -9.162  2.141   -2.634  1.00 0.00 ?  16 DC B "H5''" 1 
ATOM 493 H "H4'"  . DC B 1 6  ? -8.490  2.241   -0.404  1.00 0.00 ?  16 DC B "H4'"  1 
ATOM 494 H "H3'"  . DC B 1 6  ? -8.482  4.513   -1.928  1.00 0.00 ?  16 DC B "H3'"  1 
ATOM 495 H "H2'"  . DC B 1 6  ? -6.279  4.304   -2.430  1.00 0.00 ?  16 DC B "H2'"  1 
ATOM 496 H "H2''" . DC B 1 6  ? -6.089  5.465   -1.169  1.00 0.00 ?  16 DC B "H2''" 1 
ATOM 497 H "H1'"  . DC B 1 6  ? -5.985  3.665   0.609   1.00 0.00 ?  16 DC B "H1'"  1 
ATOM 498 H H41    . DC B 1 6  ? -0.123  1.969   -0.209  1.00 0.00 ?  16 DC B H41    1 
ATOM 499 H H42    . DC B 1 6  ? -0.176  2.267   -1.905  1.00 0.00 ?  16 DC B H42    1 
ATOM 500 H H5     . DC B 1 6  ? -2.133  3.093   -3.017  1.00 0.00 ?  16 DC B H5     1 
ATOM 501 H H6     . DC B 1 6  ? -4.374  3.772   -2.645  1.00 0.00 ?  16 DC B H6     1 
ATOM 502 P P      . DG B 1 7  ? -8.622  6.094   0.425   1.00 0.00 ?  17 DG B P      1 
ATOM 503 O OP1    . DG B 1 7  ? -9.528  6.109   1.554   1.00 0.00 ?  17 DG B OP1    1 
ATOM 504 O OP2    . DG B 1 7  ? -9.014  6.770   -0.801  1.00 0.00 ?  17 DG B OP2    1 
ATOM 505 O "O5'"  . DG B 1 7  ? -7.245  6.681   0.878   1.00 0.00 ?  17 DG B "O5'"  1 
ATOM 506 C "C5'"  . DG B 1 7  ? -6.749  6.480   2.165   1.00 0.00 ?  17 DG B "C5'"  1 
ATOM 507 C "C4'"  . DG B 1 7  ? -5.557  7.343   2.478   1.00 0.00 ?  17 DG B "C4'"  1 
ATOM 508 O "O4'"  . DG B 1 7  ? -4.371  6.716   2.123   1.00 0.00 ?  17 DG B "O4'"  1 
ATOM 509 C "C3'"  . DG B 1 7  ? -5.576  8.718   1.836   1.00 0.00 ?  17 DG B "C3'"  1 
ATOM 510 O "O3'"  . DG B 1 7  ? -5.264  9.648   2.816   1.00 0.00 ?  17 DG B "O3'"  1 
ATOM 511 C "C2'"  . DG B 1 7  ? -4.530  8.588   0.759   1.00 0.00 ?  17 DG B "C2'"  1 
ATOM 512 C "C1'"  . DG B 1 7  ? -3.571  7.631   1.433   1.00 0.00 ?  17 DG B "C1'"  1 
ATOM 513 N N9     . DG B 1 7  ? -2.715  6.901   0.529   1.00 0.00 ?  17 DG B N9     1 
ATOM 514 C C8     . DG B 1 7  ? -2.936  6.664   -0.770  1.00 0.00 ?  17 DG B C8     1 
ATOM 515 N N7     . DG B 1 7  ? -1.956  6.130   -1.401  1.00 0.00 ?  17 DG B N7     1 
ATOM 516 C C5     . DG B 1 7  ? -1.026  5.937   -0.401  1.00 0.00 ?  17 DG B C5     1 
ATOM 517 C C6     . DG B 1 7  ? 0.266   5.372   -0.422  1.00 0.00 ?  17 DG B C6     1 
ATOM 518 O O6     . DG B 1 7  ? 0.906   4.956   -1.361  1.00 0.00 ?  17 DG B O6     1 
ATOM 519 N N1     . DG B 1 7  ? 0.839   5.304   0.804   1.00 0.00 ?  17 DG B N1     1 
ATOM 520 C C2     . DG B 1 7  ? 0.274   5.762   1.919   1.00 0.00 ?  17 DG B C2     1 
ATOM 521 N N2     . DG B 1 7  ? 0.921   5.605   3.005   1.00 0.00 ?  17 DG B N2     1 
ATOM 522 N N3     . DG B 1 7  ? -0.884  6.349   1.985   1.00 0.00 ?  17 DG B N3     1 
ATOM 523 C C4     . DG B 1 7  ? -1.502  6.386   0.792   1.00 0.00 ?  17 DG B C4     1 
ATOM 524 H "H5'"  . DG B 1 7  ? -6.493  5.466   2.309   1.00 0.00 ?  17 DG B "H5'"  1 
ATOM 525 H "H5''" . DG B 1 7  ? -7.501  6.715   2.858   1.00 0.00 ?  17 DG B "H5''" 1 
ATOM 526 H "H4'"  . DG B 1 7  ? -5.548  7.494   3.536   1.00 0.00 ?  17 DG B "H4'"  1 
ATOM 527 H "H3'"  . DG B 1 7  ? -6.546  8.917   1.441   1.00 0.00 ?  17 DG B "H3'"  1 
ATOM 528 H "H2'"  . DG B 1 7  ? -4.950  8.295   -0.174  1.00 0.00 ?  17 DG B "H2'"  1 
ATOM 529 H "H2''" . DG B 1 7  ? -3.984  9.489   0.554   1.00 0.00 ?  17 DG B "H2''" 1 
ATOM 530 H "H1'"  . DG B 1 7  ? -2.953  8.198   2.087   1.00 0.00 ?  17 DG B "H1'"  1 
ATOM 531 H H8     . DG B 1 7  ? -3.860  6.953   -1.189  1.00 0.00 ?  17 DG B H8     1 
ATOM 532 H H1     . DG B 1 7  ? 1.704   4.841   0.868   1.00 0.00 ?  17 DG B H1     1 
ATOM 533 H H21    . DG B 1 7  ? 0.510   5.906   3.841   1.00 0.00 ?  17 DG B H21    1 
ATOM 534 H H22    . DG B 1 7  ? 1.768   5.112   3.003   1.00 0.00 ?  17 DG B H22    1 
ATOM 535 P P      . DT B 1 8  ? -5.499  11.185  2.637   1.00 0.00 ?  18 DT B P      1 
ATOM 536 O OP1    . DT B 1 8  ? -5.701  11.739  3.955   1.00 0.00 ?  18 DT B OP1    1 
ATOM 537 O OP2    . DT B 1 8  ? -6.495  11.404  1.621   1.00 0.00 ?  18 DT B OP2    1 
ATOM 538 O "O5'"  . DT B 1 8  ? -4.141  11.685  2.082   1.00 0.00 ?  18 DT B "O5'"  1 
ATOM 539 C "C5'"  . DT B 1 8  ? -3.049  11.806  2.899   1.00 0.00 ?  18 DT B "C5'"  1 
ATOM 540 C "C4'"  . DT B 1 8  ? -1.768  11.942  2.124   1.00 0.00 ?  18 DT B "C4'"  1 
ATOM 541 O "O4'"  . DT B 1 8  ? -1.350  10.684  1.651   1.00 0.00 ?  18 DT B "O4'"  1 
ATOM 542 C "C3'"  . DT B 1 8  ? -1.875  12.897  0.948   1.00 0.00 ?  18 DT B "C3'"  1 
ATOM 543 O "O3'"  . DT B 1 8  ? -0.777  13.736  0.819   1.00 0.00 ?  18 DT B "O3'"  1 
ATOM 544 C "C2'"  . DT B 1 8  ? -1.779  11.916  -0.130  1.00 0.00 ?  18 DT B "C2'"  1 
ATOM 545 C "C1'"  . DT B 1 8  ? -0.788  10.891  0.394   1.00 0.00 ?  18 DT B "C1'"  1 
ATOM 546 N N1     . DT B 1 8  ? -0.625  9.658   -0.381  1.00 0.00 ?  18 DT B N1     1 
ATOM 547 C C2     . DT B 1 8  ? 0.656   9.176   -0.307  1.00 0.00 ?  18 DT B C2     1 
ATOM 548 O O2     . DT B 1 8  ? 1.330   9.220   0.684   1.00 0.00 ?  18 DT B O2     1 
ATOM 549 N N3     . DT B 1 8  ? 1.189   8.692   -1.432  1.00 0.00 ?  18 DT B N3     1 
ATOM 550 C C4     . DT B 1 8  ? 0.589   8.680   -2.634  1.00 0.00 ?  18 DT B C4     1 
ATOM 551 O O4     . DT B 1 8  ? 1.237   8.338   -3.586  1.00 0.00 ?  18 DT B O4     1 
ATOM 552 C C5     . DT B 1 8  ? -0.800  9.028   -2.632  1.00 0.00 ?  18 DT B C5     1 
ATOM 553 C C7     . DT B 1 8  ? -1.472  9.017   -3.981  1.00 0.00 ?  18 DT B C7     1 
ATOM 554 C C6     . DT B 1 8  ? -1.402  9.376   -1.472  1.00 0.00 ?  18 DT B C6     1 
ATOM 555 H "H5'"  . DT B 1 8  ? -2.971  10.962  3.531   1.00 0.00 ?  18 DT B "H5'"  1 
ATOM 556 H "H5''" . DT B 1 8  ? -3.174  12.651  3.500   1.00 0.00 ?  18 DT B "H5''" 1 
ATOM 557 H "H4'"  . DT B 1 8  ? -1.033  12.301  2.787   1.00 0.00 ?  18 DT B "H4'"  1 
ATOM 558 H "H3'"  . DT B 1 8  ? -2.787  13.422  0.841   1.00 0.00 ?  18 DT B "H3'"  1 
ATOM 559 H "H2'"  . DT B 1 8  ? -2.730  11.446  -0.176  1.00 0.00 ?  18 DT B "H2'"  1 
ATOM 560 H "H2''" . DT B 1 8  ? -1.630  12.442  -1.053  1.00 0.00 ?  18 DT B "H2''" 1 
ATOM 561 H "H1'"  . DT B 1 8  ? 0.187   11.277  0.547   1.00 0.00 ?  18 DT B "H1'"  1 
ATOM 562 H H3     . DT B 1 8  ? 2.127   8.406   -1.388  1.00 0.00 ?  18 DT B H3     1 
ATOM 563 H H71    . DT B 1 8  ? -2.045  9.295   -4.198  1.00 0.00 ?  18 DT B H71    1 
ATOM 564 H H72    . DT B 1 8  ? -1.163  9.316   -4.512  1.00 0.00 ?  18 DT B H72    1 
ATOM 565 H H73    . DT B 1 8  ? -1.569  8.481   -4.374  1.00 0.00 ?  18 DT B H73    1 
ATOM 566 H H6     . DT B 1 8  ? -2.449  9.402   -1.359  1.00 0.00 ?  18 DT B H6     1 
ATOM 567 P P      . DC B 1 9  ? -0.734  15.170  1.254   1.00 0.00 ?  19 DC B P      1 
ATOM 568 O OP1    . DC B 1 9  ? -1.537  15.352  2.365   1.00 0.00 ?  19 DC B OP1    1 
ATOM 569 O OP2    . DC B 1 9  ? -0.980  16.006  0.148   1.00 0.00 ?  19 DC B OP2    1 
ATOM 570 O "O5'"  . DC B 1 9  ? 0.738   15.277  1.656   1.00 0.00 ?  19 DC B "O5'"  1 
ATOM 571 C "C5'"  . DC B 1 9  ? 1.244   14.724  2.806   1.00 0.00 ?  19 DC B "C5'"  1 
ATOM 572 C "C4'"  . DC B 1 9  ? 2.668   14.310  2.740   1.00 0.00 ?  19 DC B "C4'"  1 
ATOM 573 O "O4'"  . DC B 1 9  ? 2.830   13.221  1.899   1.00 0.00 ?  19 DC B "O4'"  1 
ATOM 574 C "C3'"  . DC B 1 9  ? 3.568   15.381  2.243   1.00 0.00 ?  19 DC B "C3'"  1 
ATOM 575 O "O3'"  . DC B 1 9  ? 4.714   15.340  3.014   1.00 0.00 ?  19 DC B "O3'"  1 
ATOM 576 C "C2'"  . DC B 1 9  ? 3.771   14.993  0.843   1.00 0.00 ?  19 DC B "C2'"  1 
ATOM 577 C "C1'"  . DC B 1 9  ? 3.746   13.509  0.930   1.00 0.00 ?  19 DC B "C1'"  1 
ATOM 578 N N1     . DC B 1 9  ? 3.387   12.856  -0.317  1.00 0.00 ?  19 DC B N1     1 
ATOM 579 C C2     . DC B 1 9  ? 4.204   11.875  -0.819  1.00 0.00 ?  19 DC B C2     1 
ATOM 580 O O2     . DC B 1 9  ? 5.180   11.511  -0.232  1.00 0.00 ?  19 DC B O2     1 
ATOM 581 N N3     . DC B 1 9  ? 3.948   11.296  -1.981  1.00 0.00 ?  19 DC B N3     1 
ATOM 582 C C4     . DC B 1 9  ? 2.914   11.669  -2.622  1.00 0.00 ?  19 DC B C4     1 
ATOM 583 N N4     . DC B 1 9  ? 2.713   11.084  -3.728  1.00 0.00 ?  19 DC B N4     1 
ATOM 584 C C5     . DC B 1 9  ? 2.045   12.660  -2.176  1.00 0.00 ?  19 DC B C5     1 
ATOM 585 C C6     . DC B 1 9  ? 2.302   13.238  -1.005  1.00 0.00 ?  19 DC B C6     1 
ATOM 586 H "H5'"  . DC B 1 9  ? 0.712   13.892  3.058   1.00 0.00 ?  19 DC B "H5'"  1 
ATOM 587 H "H5''" . DC B 1 9  ? 1.134   15.406  3.560   1.00 0.00 ?  19 DC B "H5''" 1 
ATOM 588 H "H4'"  . DC B 1 9  ? 2.967   14.023  3.714   1.00 0.00 ?  19 DC B "H4'"  1 
ATOM 589 H "H3'"  . DC B 1 9  ? 3.133   16.353  2.235   1.00 0.00 ?  19 DC B "H3'"  1 
ATOM 590 H "H2'"  . DC B 1 9  ? 2.992   15.377  0.232   1.00 0.00 ?  19 DC B "H2'"  1 
ATOM 591 H "H2''" . DC B 1 9  ? 4.700   15.340  0.515   1.00 0.00 ?  19 DC B "H2''" 1 
ATOM 592 H "H1'"  . DC B 1 9  ? 4.712   13.223  1.244   1.00 0.00 ?  19 DC B "H1'"  1 
ATOM 593 H H41    . DC B 1 9  ? 3.334   10.381  -4.004  1.00 0.00 ?  19 DC B H41    1 
ATOM 594 H H42    . DC B 1 9  ? 1.956   11.344  -4.270  1.00 0.00 ?  19 DC B H42    1 
ATOM 595 H H5     . DC B 1 9  ? 1.233   12.947  -2.767  1.00 0.00 ?  19 DC B H5     1 
ATOM 596 H H6     . DC B 1 9  ? 1.701   14.003  -0.596  1.00 0.00 ?  19 DC B H6     1 
ATOM 597 P P      . DG B 1 10 ? 5.763   16.458  2.987   1.00 0.00 ?  20 DG B P      1 
ATOM 598 O OP1    . DG B 1 10 ? 6.516   16.349  4.197   1.00 0.00 ?  20 DG B OP1    1 
ATOM 599 O OP2    . DG B 1 10 ? 5.124   17.706  2.660   1.00 0.00 -1 20 DG B OP2    1 
ATOM 600 O "O5'"  . DG B 1 10 ? 6.671   16.070  1.823   1.00 0.00 ?  20 DG B "O5'"  1 
ATOM 601 C "C5'"  . DG B 1 10 ? 7.526   15.000  1.908   1.00 0.00 ?  20 DG B "C5'"  1 
ATOM 602 C "C4'"  . DG B 1 10 ? 8.175   14.703  0.617   1.00 0.00 ?  20 DG B "C4'"  1 
ATOM 603 O "O4'"  . DG B 1 10 ? 7.321   14.047  -0.230  1.00 0.00 ?  20 DG B "O4'"  1 
ATOM 604 C "C3'"  . DG B 1 10 ? 8.626   15.913  -0.112  1.00 0.00 ?  20 DG B "C3'"  1 
ATOM 605 O "O3'"  . DG B 1 10 ? 9.854   15.716  -0.655  1.00 0.00 ?  20 DG B "O3'"  1 
ATOM 606 C "C2'"  . DG B 1 10 ? 7.628   16.022  -1.192  1.00 0.00 ?  20 DG B "C2'"  1 
ATOM 607 C "C1'"  . DG B 1 10 ? 7.425   14.593  -1.476  1.00 0.00 ?  20 DG B "C1'"  1 
ATOM 608 N N9     . DG B 1 10 ? 6.320   14.335  -2.334  1.00 0.00 ?  20 DG B N9     1 
ATOM 609 C C8     . DG B 1 10 ? 5.174   15.006  -2.378  1.00 0.00 ?  20 DG B C8     1 
ATOM 610 N N7     . DG B 1 10 ? 4.433   14.714  -3.371  1.00 0.00 ?  20 DG B N7     1 
ATOM 611 C C5     . DG B 1 10 ? 5.161   13.754  -4.039  1.00 0.00 ?  20 DG B C5     1 
ATOM 612 C C6     . DG B 1 10 ? 4.930   13.053  -5.240  1.00 0.00 ?  20 DG B C6     1 
ATOM 613 O O6     . DG B 1 10 ? 4.002   13.124  -5.998  1.00 0.00 ?  20 DG B O6     1 
ATOM 614 N N1     . DG B 1 10 ? 5.925   12.195  -5.570  1.00 0.00 ?  20 DG B N1     1 
ATOM 615 C C2     . DG B 1 10 ? 7.029   12.038  -4.866  1.00 0.00 ?  20 DG B C2     1 
ATOM 616 N N2     . DG B 1 10 ? 7.900   11.222  -5.317  1.00 0.00 ?  20 DG B N2     1 
ATOM 617 N N3     . DG B 1 10 ? 7.303   12.676  -3.772  1.00 0.00 ?  20 DG B N3     1 
ATOM 618 C C4     . DG B 1 10 ? 6.321   13.517  -3.398  1.00 0.00 ?  20 DG B C4     1 
ATOM 619 H "H5'"  . DG B 1 10 ? 7.024   14.153  2.220   1.00 0.00 ?  20 DG B "H5'"  1 
ATOM 620 H "H5''" . DG B 1 10 ? 8.251   15.201  2.618   1.00 0.00 ?  20 DG B "H5''" 1 
ATOM 621 H "H4'"  . DG B 1 10 ? 8.989   14.076  0.819   1.00 0.00 ?  20 DG B "H4'"  1 
ATOM 622 H "H3'"  . DG B 1 10 ? 8.634   16.781  0.483   1.00 0.00 ?  20 DG B "H3'"  1 
ATOM 623 H "HO3'" . DG B 1 10 ? 10.198  16.157  -0.726  1.00 0.00 ?  20 DG B "HO3'" 1 
ATOM 624 H "H2'"  . DG B 1 10 ? 6.732   16.455  -0.879  1.00 0.00 ?  20 DG B "H2'"  1 
ATOM 625 H "H2''" . DG B 1 10 ? 8.016   16.555  -1.998  1.00 0.00 ?  20 DG B "H2''" 1 
ATOM 626 H "H1'"  . DG B 1 10 ? 8.264   14.216  -1.959  1.00 0.00 ?  20 DG B "H1'"  1 
ATOM 627 H H8     . DG B 1 10 ? 4.969   15.725  -1.638  1.00 0.00 ?  20 DG B H8     1 
ATOM 628 H H1     . DG B 1 10 ? 5.818   11.672  -6.391  1.00 0.00 ?  20 DG B H1     1 
ATOM 629 H H21    . DG B 1 10 ? 8.724   11.106  -4.818  1.00 0.00 ?  20 DG B H21    1 
ATOM 630 H H22    . DG B 1 10 ? 7.764   10.780  -6.179  1.00 0.00 ?  20 DG B H22    1 
# 
